data_4DU8
#
_entry.id   4DU8
#
_cell.length_a   82.966
_cell.length_b   102.050
_cell.length_c   155.143
_cell.angle_alpha   90.000
_cell.angle_beta   90.000
_cell.angle_gamma   90.000
#
_symmetry.space_group_name_H-M   'C 2 2 21'
#
loop_
_entity.id
_entity.type
_entity.pdbx_description
1 polymer 'Mevalonate diphosphate decarboxylase'
2 non-polymer 1-({[(S)-hydroxy(phosphonooxy)phosphoryl]oxy}acetyl)-L-proline
3 non-polymer GLYCEROL
4 water water
#
_entity_poly.entity_id   1
_entity_poly.type   'polypeptide(L)'
_entity_poly.pdbx_seq_one_letter_code
;GSTGSMVKSGKARAHTNIALIKYWGKADETYIIPMNNSLSVTLDRFYTETKVTFDPDFTEDCLILNGNEVNAKEKEKIQN
YMNIVRDLAGNRLHARIESENYVPTAAGLASSASAYAALAAACNEALSLNLSDTDLSRLARRGSGSASRSIFGGFAEWEK
GHDDLTSYAHGINSNGWEKDLSMIFVVINNQSKKVSSRSGMSLTRDTSRFYQYWLDHVDEDLNEAKEAVKNQDFQRLGEV
IEANGLRMHATNLGAQPPFTYLVQESYDAMAIVEQCRKANLPCYFTMAAGPNVKVLVEKKNKQAVMEQFLKVFDESKIIA
SDIISSGVEIIK
;
_entity_poly.pdbx_strand_id   A,B
#
loop_
_chem_comp.id
_chem_comp.type
_chem_comp.name
_chem_comp.formula
GOL non-polymer GLYCEROL 'C3 H8 O3'
#
# COMPACT_ATOMS: atom_id res chain seq x y z
N THR A 3 17.82 -25.86 6.63
CA THR A 3 17.06 -26.47 5.54
C THR A 3 17.36 -27.96 5.47
N GLY A 4 16.57 -28.68 4.67
CA GLY A 4 16.73 -30.11 4.53
C GLY A 4 17.95 -30.51 3.73
N SER A 5 18.31 -31.79 3.84
CA SER A 5 19.46 -32.36 3.14
C SER A 5 19.48 -32.04 1.65
N MET A 6 18.45 -32.47 0.92
CA MET A 6 18.43 -32.28 -0.53
C MET A 6 17.77 -30.99 -0.95
N VAL A 7 17.49 -30.13 0.03
CA VAL A 7 16.74 -28.91 -0.23
C VAL A 7 17.68 -27.79 -0.64
N LYS A 8 17.31 -27.09 -1.71
CA LYS A 8 18.12 -26.00 -2.24
C LYS A 8 17.34 -24.70 -2.17
N SER A 9 17.80 -23.75 -1.35
CA SER A 9 17.07 -22.49 -1.25
C SER A 9 17.92 -21.24 -1.55
N GLY A 10 17.23 -20.18 -1.97
CA GLY A 10 17.88 -18.92 -2.29
C GLY A 10 16.95 -17.74 -2.03
N LYS A 11 17.52 -16.63 -1.57
CA LYS A 11 16.72 -15.45 -1.33
C LYS A 11 17.39 -14.22 -1.85
N ALA A 12 16.63 -13.36 -2.50
CA ALA A 12 17.21 -12.17 -3.12
C ALA A 12 16.34 -10.94 -2.92
N ARG A 13 16.98 -9.80 -2.77
CA ARG A 13 16.29 -8.51 -2.75
C ARG A 13 16.63 -7.74 -4.01
N ALA A 14 15.60 -7.32 -4.73
CA ALA A 14 15.77 -6.54 -5.95
C ALA A 14 14.91 -5.29 -5.86
N HIS A 15 15.43 -4.18 -6.36
CA HIS A 15 14.76 -2.90 -6.26
C HIS A 15 14.02 -2.55 -7.55
N THR A 16 13.00 -1.71 -7.45
CA THR A 16 12.25 -1.31 -8.62
C THR A 16 13.09 -0.29 -9.36
N ASN A 17 12.76 -0.10 -10.63
CA ASN A 17 13.43 0.91 -11.43
C ASN A 17 12.37 1.65 -12.21
N ILE A 18 12.61 2.94 -12.44
CA ILE A 18 11.74 3.76 -13.27
C ILE A 18 12.43 4.08 -14.61
N ALA A 19 11.71 3.83 -15.70
CA ALA A 19 12.22 4.10 -17.05
C ALA A 19 12.23 5.59 -17.32
N LEU A 20 13.39 6.13 -17.71
CA LEU A 20 13.50 7.53 -18.11
C LEU A 20 13.30 7.65 -19.60
N ILE A 21 13.92 6.74 -20.35
CA ILE A 21 13.55 6.58 -21.75
C ILE A 21 12.72 5.30 -21.80
N LYS A 22 11.49 5.43 -22.28
CA LYS A 22 10.49 4.40 -22.10
C LYS A 22 10.70 3.21 -23.03
N TYR A 23 10.49 2.03 -22.47
CA TYR A 23 10.20 0.85 -23.24
C TYR A 23 8.69 0.89 -23.45
N TRP A 24 8.24 0.75 -24.68
CA TRP A 24 6.81 0.80 -24.95
C TRP A 24 6.53 0.16 -26.30
N GLY A 25 6.02 -1.07 -26.28
CA GLY A 25 5.81 -1.85 -27.49
C GLY A 25 6.87 -2.94 -27.68
N LYS A 26 6.42 -4.15 -28.03
CA LYS A 26 7.30 -5.31 -28.17
C LYS A 26 7.47 -5.73 -29.63
N ALA A 27 8.68 -6.11 -30.00
CA ALA A 27 8.91 -6.81 -31.26
C ALA A 27 8.48 -8.28 -31.16
N ASP A 28 8.60 -8.86 -29.97
CA ASP A 28 8.22 -10.26 -29.78
C ASP A 28 7.53 -10.47 -28.44
N GLU A 29 6.25 -10.79 -28.52
CA GLU A 29 5.39 -10.90 -27.34
C GLU A 29 5.75 -12.09 -26.47
N THR A 30 6.20 -13.18 -27.09
CA THR A 30 6.48 -14.41 -26.33
C THR A 30 7.75 -14.30 -25.48
N TYR A 31 8.86 -13.93 -26.12
CA TYR A 31 10.14 -13.81 -25.42
C TYR A 31 10.33 -12.43 -24.78
N ILE A 32 9.36 -11.55 -25.00
CA ILE A 32 9.43 -10.18 -24.53
C ILE A 32 10.67 -9.48 -25.07
N ILE A 33 10.70 -9.27 -26.39
CA ILE A 33 11.73 -8.44 -27.02
C ILE A 33 11.06 -7.09 -27.33
N PRO A 34 11.69 -5.98 -26.92
CA PRO A 34 11.08 -4.65 -27.03
C PRO A 34 11.38 -3.99 -28.39
N MET A 35 10.54 -3.06 -28.83
CA MET A 35 10.76 -2.38 -30.10
C MET A 35 11.94 -1.40 -30.03
N ASN A 36 12.32 -0.99 -28.82
CA ASN A 36 13.41 -0.03 -28.67
C ASN A 36 14.13 -0.20 -27.33
N ASN A 37 15.33 0.35 -27.24
CA ASN A 37 16.09 0.38 -26.00
C ASN A 37 15.43 1.29 -24.97
N SER A 38 15.68 1.00 -23.69
CA SER A 38 15.15 1.82 -22.61
C SER A 38 16.24 2.14 -21.62
N LEU A 39 16.01 3.18 -20.84
CA LEU A 39 16.98 3.65 -19.88
C LEU A 39 16.24 3.96 -18.58
N SER A 40 16.77 3.50 -17.46
CA SER A 40 16.07 3.62 -16.18
C SER A 40 17.03 3.90 -15.04
N VAL A 41 16.46 4.25 -13.89
CA VAL A 41 17.20 4.37 -12.64
C VAL A 41 16.54 3.49 -11.59
N THR A 42 17.37 2.81 -10.80
CA THR A 42 16.88 1.90 -9.76
C THR A 42 16.73 2.61 -8.39
N LEU A 43 15.52 2.49 -7.84
CA LEU A 43 15.14 3.21 -6.63
C LEU A 43 15.57 2.52 -5.35
N ASP A 44 16.22 3.29 -4.50
CA ASP A 44 16.58 2.82 -3.17
C ASP A 44 15.38 2.39 -2.31
N ARG A 45 14.26 3.12 -2.38
CA ARG A 45 13.23 2.93 -1.35
C ARG A 45 12.34 1.70 -1.55
N PHE A 46 12.22 1.24 -2.80
CA PHE A 46 11.16 0.30 -3.15
C PHE A 46 11.74 -0.98 -3.71
N TYR A 47 11.31 -2.13 -3.20
CA TYR A 47 11.93 -3.39 -3.60
C TYR A 47 11.08 -4.60 -3.27
N THR A 48 11.55 -5.76 -3.72
CA THR A 48 10.88 -7.02 -3.49
C THR A 48 11.89 -8.02 -2.93
N GLU A 49 11.47 -8.84 -1.98
CA GLU A 49 12.32 -9.88 -1.44
C GLU A 49 11.67 -11.22 -1.77
N THR A 50 12.41 -12.08 -2.44
CA THR A 50 11.82 -13.34 -2.88
C THR A 50 12.70 -14.52 -2.53
N LYS A 51 12.13 -15.43 -1.77
CA LYS A 51 12.81 -16.67 -1.40
C LYS A 51 12.21 -17.81 -2.21
N VAL A 52 13.06 -18.69 -2.70
CA VAL A 52 12.59 -19.90 -3.38
C VAL A 52 13.22 -21.09 -2.71
N THR A 53 12.46 -22.17 -2.62
CA THR A 53 12.94 -23.37 -1.97
C THR A 53 12.62 -24.56 -2.88
N PHE A 54 13.66 -25.19 -3.40
CA PHE A 54 13.48 -26.36 -4.24
C PHE A 54 13.60 -27.63 -3.39
N ASP A 55 12.57 -28.47 -3.44
CA ASP A 55 12.58 -29.76 -2.77
C ASP A 55 12.03 -30.83 -3.72
N PRO A 56 12.76 -31.95 -3.87
CA PRO A 56 12.39 -33.07 -4.75
C PRO A 56 10.98 -33.59 -4.45
N ASP A 57 10.55 -33.50 -3.20
CA ASP A 57 9.22 -34.01 -2.81
C ASP A 57 8.10 -33.05 -3.18
N PHE A 58 8.46 -31.84 -3.58
CA PHE A 58 7.48 -30.86 -4.05
C PHE A 58 6.89 -31.31 -5.39
N THR A 59 5.58 -31.18 -5.53
CA THR A 59 4.87 -31.73 -6.68
C THR A 59 4.61 -30.69 -7.76
N GLU A 60 4.29 -29.49 -7.31
CA GLU A 60 4.06 -28.35 -8.20
C GLU A 60 4.71 -27.15 -7.53
N ASP A 61 4.80 -26.04 -8.26
CA ASP A 61 5.28 -24.79 -7.68
C ASP A 61 4.17 -24.12 -6.89
N CYS A 62 4.56 -23.49 -5.79
CA CYS A 62 3.63 -22.77 -4.92
C CYS A 62 4.15 -21.36 -4.70
N LEU A 63 3.29 -20.37 -4.90
CA LEU A 63 3.67 -18.97 -4.72
C LEU A 63 2.90 -18.36 -3.55
N ILE A 64 3.62 -17.92 -2.53
CA ILE A 64 3.00 -17.22 -1.41
C ILE A 64 3.48 -15.78 -1.41
N LEU A 65 2.52 -14.86 -1.51
CA LEU A 65 2.84 -13.46 -1.70
C LEU A 65 2.34 -12.65 -0.51
N ASN A 66 3.27 -12.04 0.22
CA ASN A 66 2.93 -11.31 1.44
C ASN A 66 2.08 -12.17 2.38
N GLY A 67 2.52 -13.41 2.59
CA GLY A 67 1.81 -14.33 3.46
C GLY A 67 0.53 -14.93 2.88
N ASN A 68 0.20 -14.55 1.65
CA ASN A 68 -1.05 -15.00 1.06
C ASN A 68 -0.91 -15.82 -0.23
N GLU A 69 -1.58 -16.95 -0.28
CA GLU A 69 -1.68 -17.73 -1.52
C GLU A 69 -2.30 -16.90 -2.64
N VAL A 70 -1.88 -17.20 -3.87
CA VAL A 70 -2.39 -16.49 -5.04
C VAL A 70 -3.44 -17.34 -5.76
N ASN A 71 -4.21 -16.73 -6.66
CA ASN A 71 -5.24 -17.45 -7.41
C ASN A 71 -4.67 -18.53 -8.34
N ALA A 72 -5.55 -19.35 -8.89
CA ALA A 72 -5.13 -20.42 -9.79
C ALA A 72 -4.55 -19.81 -11.08
N LYS A 73 -4.96 -18.59 -11.38
CA LYS A 73 -4.42 -17.86 -12.54
C LYS A 73 -2.95 -17.53 -12.29
N GLU A 74 -2.72 -16.72 -11.26
CA GLU A 74 -1.36 -16.36 -10.86
C GLU A 74 -0.50 -17.59 -10.65
N LYS A 75 -1.11 -18.67 -10.16
CA LYS A 75 -0.40 -19.91 -9.91
C LYS A 75 0.06 -20.59 -11.20
N GLU A 76 -0.80 -20.56 -12.21
CA GLU A 76 -0.48 -21.15 -13.51
C GLU A 76 0.68 -20.37 -14.17
N LYS A 77 0.64 -19.05 -14.05
CA LYS A 77 1.67 -18.18 -14.62
C LYS A 77 3.05 -18.38 -13.99
N ILE A 78 3.11 -18.56 -12.67
CA ILE A 78 4.39 -18.76 -12.02
C ILE A 78 4.94 -20.14 -12.35
N GLN A 79 4.06 -21.12 -12.56
CA GLN A 79 4.52 -22.45 -12.94
C GLN A 79 5.13 -22.47 -14.34
N ASN A 80 4.56 -21.70 -15.26
CA ASN A 80 5.14 -21.58 -16.59
C ASN A 80 6.51 -20.90 -16.53
N TYR A 81 6.61 -19.82 -15.75
CA TYR A 81 7.88 -19.15 -15.60
C TYR A 81 8.93 -20.09 -15.00
N MET A 82 8.53 -20.87 -14.00
CA MET A 82 9.47 -21.78 -13.36
C MET A 82 9.90 -22.91 -14.28
N ASN A 83 9.08 -23.23 -15.28
CA ASN A 83 9.51 -24.17 -16.33
C ASN A 83 10.73 -23.65 -17.07
N ILE A 84 10.78 -22.35 -17.30
CA ILE A 84 11.97 -21.75 -17.88
C ILE A 84 13.18 -21.99 -16.98
N VAL A 85 12.99 -21.77 -15.68
CA VAL A 85 14.07 -22.02 -14.73
C VAL A 85 14.52 -23.48 -14.73
N ARG A 86 13.56 -24.41 -14.67
CA ARG A 86 13.86 -25.85 -14.73
C ARG A 86 14.67 -26.26 -15.97
N ASP A 87 14.26 -25.79 -17.15
CA ASP A 87 15.01 -26.09 -18.37
C ASP A 87 16.44 -25.58 -18.27
N LEU A 88 16.54 -24.31 -17.91
CA LEU A 88 17.83 -23.65 -17.72
C LEU A 88 18.74 -24.45 -16.78
N ALA A 89 18.17 -24.91 -15.65
CA ALA A 89 18.95 -25.65 -14.67
C ALA A 89 19.17 -27.13 -15.05
N GLY A 90 18.37 -27.63 -15.98
CA GLY A 90 18.41 -29.03 -16.35
C GLY A 90 17.85 -29.95 -15.28
N ASN A 91 16.86 -29.48 -14.56
CA ASN A 91 16.25 -30.29 -13.52
C ASN A 91 14.74 -30.23 -13.59
N ARG A 92 14.09 -30.92 -12.67
CA ARG A 92 12.62 -31.01 -12.68
C ARG A 92 12.10 -30.71 -11.28
N LEU A 93 12.90 -30.03 -10.49
CA LEU A 93 12.52 -29.66 -9.15
C LEU A 93 11.47 -28.56 -9.20
N HIS A 94 10.44 -28.70 -8.37
CA HIS A 94 9.45 -27.65 -8.21
C HIS A 94 9.79 -26.83 -6.96
N ALA A 95 9.30 -25.61 -6.89
CA ALA A 95 9.73 -24.73 -5.82
C ALA A 95 8.58 -24.14 -5.02
N ARG A 96 8.84 -23.87 -3.75
CA ARG A 96 7.96 -23.00 -2.99
C ARG A 96 8.55 -21.60 -3.02
N ILE A 97 7.77 -20.65 -3.50
CA ILE A 97 8.23 -19.28 -3.65
C ILE A 97 7.49 -18.39 -2.66
N GLU A 98 8.25 -17.79 -1.75
CA GLU A 98 7.68 -16.86 -0.77
C GLU A 98 8.20 -15.47 -1.09
N SER A 99 7.30 -14.58 -1.48
CA SER A 99 7.72 -13.23 -1.87
C SER A 99 7.03 -12.16 -1.04
N GLU A 100 7.76 -11.10 -0.73
CA GLU A 100 7.18 -9.92 -0.06
C GLU A 100 7.51 -8.69 -0.89
N ASN A 101 6.48 -7.90 -1.24
CA ASN A 101 6.66 -6.65 -1.95
C ASN A 101 6.76 -5.51 -0.99
N TYR A 102 7.88 -4.80 -1.03
CA TYR A 102 8.02 -3.55 -0.31
C TYR A 102 7.95 -2.43 -1.32
N VAL A 103 6.83 -2.41 -2.04
CA VAL A 103 6.54 -1.48 -3.14
C VAL A 103 5.10 -0.99 -2.93
N PRO A 104 4.87 0.33 -3.04
CA PRO A 104 3.52 0.91 -2.88
C PRO A 104 2.61 0.54 -4.04
N THR A 105 2.21 -0.72 -4.12
CA THR A 105 1.41 -1.20 -5.25
C THR A 105 -0.01 -0.66 -5.20
N ALA A 106 -0.58 -0.60 -3.99
CA ALA A 106 -1.90 0.00 -3.81
C ALA A 106 -1.92 1.43 -4.37
N ALA A 107 -0.79 2.12 -4.26
CA ALA A 107 -0.67 3.50 -4.73
C ALA A 107 -0.33 3.56 -6.23
N GLY A 108 -0.30 2.41 -6.88
CA GLY A 108 -0.10 2.35 -8.32
C GLY A 108 1.32 2.13 -8.80
N LEU A 109 2.27 1.93 -7.89
CA LEU A 109 3.63 1.61 -8.32
C LEU A 109 3.71 0.16 -8.78
N ALA A 110 4.45 -0.09 -9.84
CA ALA A 110 4.53 -1.46 -10.38
C ALA A 110 5.57 -2.29 -9.63
N SER A 111 5.28 -3.57 -9.43
CA SER A 111 6.19 -4.43 -8.68
C SER A 111 6.83 -5.48 -9.57
N SER A 112 6.41 -5.54 -10.82
CA SER A 112 6.84 -6.62 -11.71
C SER A 112 8.35 -6.59 -11.92
N ALA A 113 8.92 -5.39 -12.06
CA ALA A 113 10.37 -5.28 -12.29
C ALA A 113 11.17 -5.86 -11.13
N SER A 114 10.89 -5.43 -9.91
CA SER A 114 11.64 -5.95 -8.77
C SER A 114 11.32 -7.43 -8.52
N ALA A 115 10.11 -7.84 -8.88
CA ALA A 115 9.64 -9.17 -8.53
C ALA A 115 10.30 -10.24 -9.37
N TYR A 116 10.36 -10.02 -10.68
CA TYR A 116 11.06 -10.97 -11.52
C TYR A 116 12.57 -10.90 -11.38
N ALA A 117 13.13 -9.72 -11.13
CA ALA A 117 14.56 -9.61 -10.87
C ALA A 117 14.94 -10.41 -9.62
N ALA A 118 14.13 -10.29 -8.58
CA ALA A 118 14.38 -10.97 -7.30
C ALA A 118 14.24 -12.49 -7.47
N LEU A 119 13.20 -12.90 -8.17
CA LEU A 119 12.97 -14.31 -8.41
C LEU A 119 14.12 -14.90 -9.22
N ALA A 120 14.53 -14.21 -10.27
CA ALA A 120 15.59 -14.72 -11.14
C ALA A 120 16.84 -14.94 -10.30
N ALA A 121 17.22 -13.92 -9.55
CA ALA A 121 18.41 -13.95 -8.70
C ALA A 121 18.32 -15.00 -7.59
N ALA A 122 17.13 -15.17 -7.02
CA ALA A 122 16.92 -16.18 -5.99
C ALA A 122 17.10 -17.58 -6.56
N CYS A 123 16.50 -17.85 -7.71
CA CYS A 123 16.70 -19.13 -8.40
C CYS A 123 18.17 -19.39 -8.70
N ASN A 124 18.85 -18.38 -9.22
CA ASN A 124 20.28 -18.53 -9.54
C ASN A 124 21.10 -18.89 -8.30
N GLU A 125 20.71 -18.32 -7.17
CA GLU A 125 21.42 -18.58 -5.92
C GLU A 125 21.08 -20.00 -5.43
N ALA A 126 19.79 -20.36 -5.47
CA ALA A 126 19.35 -21.65 -4.97
C ALA A 126 20.01 -22.81 -5.72
N LEU A 127 19.95 -22.75 -7.05
CA LEU A 127 20.40 -23.85 -7.89
C LEU A 127 21.87 -23.72 -8.31
N SER A 128 22.54 -22.68 -7.81
CA SER A 128 23.97 -22.52 -8.10
C SER A 128 24.25 -22.44 -9.60
N LEU A 129 23.40 -21.74 -10.33
CA LEU A 129 23.53 -21.66 -11.79
C LEU A 129 24.71 -20.80 -12.25
N ASN A 130 25.26 -19.99 -11.35
CA ASN A 130 26.39 -19.12 -11.68
C ASN A 130 26.17 -18.28 -12.92
N LEU A 131 24.93 -17.82 -13.11
CA LEU A 131 24.61 -16.99 -14.28
C LEU A 131 25.31 -15.64 -14.20
N SER A 132 25.70 -15.12 -15.36
CA SER A 132 26.30 -13.80 -15.42
C SER A 132 25.18 -12.80 -15.23
N ASP A 133 25.54 -11.56 -14.91
CA ASP A 133 24.55 -10.49 -14.84
C ASP A 133 23.73 -10.42 -16.12
N THR A 134 24.42 -10.60 -17.25
CA THR A 134 23.76 -10.64 -18.55
C THR A 134 22.70 -11.72 -18.62
N ASP A 135 23.01 -12.91 -18.13
CA ASP A 135 22.06 -14.01 -18.25
C ASP A 135 20.99 -13.93 -17.19
N LEU A 136 21.32 -13.31 -16.06
CA LEU A 136 20.32 -13.02 -15.03
C LEU A 136 19.31 -12.06 -15.61
N SER A 137 19.80 -11.07 -16.36
CA SER A 137 18.94 -10.04 -16.96
C SER A 137 18.03 -10.71 -17.98
N ARG A 138 18.61 -11.57 -18.81
CA ARG A 138 17.82 -12.30 -19.79
C ARG A 138 16.75 -13.16 -19.09
N LEU A 139 17.15 -13.82 -18.00
CA LEU A 139 16.20 -14.66 -17.24
C LEU A 139 15.05 -13.80 -16.70
N ALA A 140 15.39 -12.68 -16.08
CA ALA A 140 14.35 -11.77 -15.55
C ALA A 140 13.44 -11.24 -16.66
N ARG A 141 14.03 -10.92 -17.81
CA ARG A 141 13.27 -10.30 -18.91
C ARG A 141 12.12 -11.17 -19.35
N ARG A 142 12.28 -12.48 -19.25
CA ARG A 142 11.24 -13.41 -19.70
C ARG A 142 10.00 -13.26 -18.84
N GLY A 143 10.20 -12.80 -17.61
CA GLY A 143 9.10 -12.67 -16.66
C GLY A 143 8.40 -11.36 -16.87
N SER A 144 9.20 -10.31 -16.99
CA SER A 144 8.67 -8.99 -17.28
C SER A 144 9.79 -8.10 -17.83
N GLY A 145 9.52 -7.43 -18.93
CA GLY A 145 10.56 -6.66 -19.63
C GLY A 145 11.33 -5.73 -18.72
N SER A 146 10.62 -4.91 -17.96
CA SER A 146 11.28 -3.96 -17.06
C SER A 146 12.17 -4.65 -16.02
N ALA A 147 11.89 -5.91 -15.71
CA ALA A 147 12.70 -6.60 -14.71
C ALA A 147 14.15 -6.81 -15.17
N SER A 148 14.36 -6.80 -16.48
CA SER A 148 15.72 -7.00 -16.99
C SER A 148 16.67 -5.96 -16.39
N ARG A 149 16.14 -4.76 -16.15
CA ARG A 149 16.96 -3.62 -15.72
C ARG A 149 17.22 -3.60 -14.23
N SER A 150 16.30 -4.19 -13.48
CA SER A 150 16.35 -4.24 -12.03
C SER A 150 17.44 -5.18 -11.49
N ILE A 151 18.15 -5.88 -12.37
CA ILE A 151 19.33 -6.65 -11.91
C ILE A 151 20.40 -5.67 -11.44
N PHE A 152 20.31 -4.44 -11.92
CA PHE A 152 21.38 -3.46 -11.76
C PHE A 152 20.94 -2.26 -10.94
N GLY A 153 21.92 -1.56 -10.36
CA GLY A 153 21.66 -0.34 -9.62
C GLY A 153 21.86 0.88 -10.52
N GLY A 154 21.69 2.07 -9.94
CA GLY A 154 21.95 3.31 -10.65
C GLY A 154 21.23 3.42 -11.97
N PHE A 155 21.91 4.00 -12.96
CA PHE A 155 21.40 4.03 -14.34
C PHE A 155 21.65 2.67 -14.97
N ALA A 156 20.66 2.19 -15.73
CA ALA A 156 20.79 0.94 -16.49
C ALA A 156 20.10 1.09 -17.84
N GLU A 157 20.53 0.31 -18.82
CA GLU A 157 19.95 0.35 -20.16
C GLU A 157 19.62 -1.06 -20.66
N TRP A 158 18.41 -1.20 -21.18
CA TRP A 158 18.01 -2.45 -21.78
C TRP A 158 18.28 -2.39 -23.28
N GLU A 159 19.24 -3.19 -23.72
CA GLU A 159 19.58 -3.33 -25.14
C GLU A 159 18.53 -4.19 -25.80
N LYS A 160 17.90 -3.69 -26.86
CA LYS A 160 16.74 -4.40 -27.41
C LYS A 160 17.06 -5.76 -28.05
N GLY A 161 18.22 -5.86 -28.69
CA GLY A 161 18.61 -7.05 -29.43
C GLY A 161 17.60 -7.44 -30.49
N HIS A 162 17.72 -8.67 -30.99
CA HIS A 162 16.77 -9.18 -31.98
C HIS A 162 16.25 -10.56 -31.55
N ASP A 163 16.77 -11.08 -30.45
CA ASP A 163 16.28 -12.38 -29.94
C ASP A 163 16.55 -12.62 -28.45
N ASP A 164 16.24 -13.82 -27.98
CA ASP A 164 16.36 -14.15 -26.56
C ASP A 164 17.78 -13.97 -26.05
N LEU A 165 18.75 -14.33 -26.89
CA LEU A 165 20.16 -14.23 -26.52
C LEU A 165 20.69 -12.80 -26.43
N THR A 166 20.14 -11.90 -27.25
CA THR A 166 20.73 -10.56 -27.36
C THR A 166 19.93 -9.45 -26.67
N SER A 167 18.71 -9.75 -26.21
CA SER A 167 17.91 -8.74 -25.54
C SER A 167 18.09 -8.83 -24.03
N TYR A 168 18.82 -7.87 -23.49
CA TYR A 168 19.06 -7.81 -22.06
C TYR A 168 19.63 -6.45 -21.67
N ALA A 169 19.82 -6.23 -20.37
CA ALA A 169 20.28 -4.93 -19.88
C ALA A 169 21.69 -4.96 -19.32
N HIS A 170 22.25 -3.78 -19.09
CA HIS A 170 23.54 -3.64 -18.42
C HIS A 170 23.53 -2.37 -17.59
N GLY A 171 24.31 -2.35 -16.52
CA GLY A 171 24.46 -1.16 -15.73
C GLY A 171 25.32 -0.12 -16.44
N ILE A 172 25.01 1.14 -16.23
CA ILE A 172 25.83 2.23 -16.77
C ILE A 172 26.55 2.88 -15.62
N ASN A 173 27.87 2.96 -15.70
CA ASN A 173 28.63 3.67 -14.70
C ASN A 173 28.40 5.16 -14.96
N SER A 174 28.07 5.93 -13.93
CA SER A 174 27.86 7.36 -14.16
C SER A 174 28.78 8.17 -13.27
N ASN A 175 29.88 7.56 -12.87
CA ASN A 175 30.85 8.19 -11.97
C ASN A 175 30.19 8.66 -10.68
N GLY A 176 29.25 7.86 -10.18
CA GLY A 176 28.61 8.10 -8.90
C GLY A 176 27.45 9.08 -8.97
N TRP A 177 27.16 9.58 -10.16
CA TRP A 177 26.12 10.58 -10.34
C TRP A 177 24.81 10.11 -9.70
N GLU A 178 24.52 8.81 -9.79
CA GLU A 178 23.25 8.33 -9.24
C GLU A 178 23.06 8.72 -7.76
N LYS A 179 24.16 8.97 -7.06
CA LYS A 179 24.08 9.29 -5.63
C LYS A 179 23.60 10.71 -5.38
N ASP A 180 23.57 11.52 -6.44
CA ASP A 180 23.18 12.93 -6.35
C ASP A 180 21.72 13.12 -6.74
N LEU A 181 21.07 12.05 -7.19
CA LEU A 181 19.72 12.21 -7.76
C LEU A 181 18.64 11.58 -6.90
N SER A 182 17.40 12.02 -7.10
CA SER A 182 16.27 11.49 -6.35
C SER A 182 15.03 11.46 -7.23
N MET A 183 14.00 10.78 -6.75
CA MET A 183 12.75 10.74 -7.47
C MET A 183 11.64 10.99 -6.48
N ILE A 184 10.72 11.89 -6.84
CA ILE A 184 9.56 12.15 -6.00
C ILE A 184 8.34 11.54 -6.70
N PHE A 185 7.61 10.73 -5.96
CA PHE A 185 6.42 10.11 -6.50
C PHE A 185 5.19 10.86 -6.07
N VAL A 186 4.44 11.32 -7.06
CA VAL A 186 3.15 11.94 -6.81
C VAL A 186 2.08 10.91 -7.08
N VAL A 187 1.41 10.50 -6.02
CA VAL A 187 0.41 9.46 -6.13
C VAL A 187 -0.90 10.09 -6.56
N ILE A 188 -1.31 9.82 -7.79
CA ILE A 188 -2.46 10.51 -8.32
C ILE A 188 -3.71 9.65 -8.18
N ASN A 189 -4.79 10.31 -7.77
CA ASN A 189 -6.10 9.65 -7.66
C ASN A 189 -6.46 9.03 -9.01
N ASN A 190 -6.92 7.79 -8.98
CA ASN A 190 -7.12 7.00 -10.20
C ASN A 190 -8.30 6.06 -10.05
N GLN A 191 -8.91 5.67 -11.16
CA GLN A 191 -9.85 4.57 -11.15
C GLN A 191 -9.17 3.41 -10.43
N SER A 192 -9.96 2.49 -9.89
CA SER A 192 -9.42 1.26 -9.32
C SER A 192 -9.66 0.09 -10.27
N LYS A 193 -10.31 0.38 -11.40
CA LYS A 193 -10.62 -0.64 -12.42
C LYS A 193 -9.37 -1.27 -13.04
N LYS A 194 -9.51 -2.51 -13.50
CA LYS A 194 -8.41 -3.21 -14.16
C LYS A 194 -7.82 -2.38 -15.28
N VAL A 195 -6.49 -2.36 -15.35
CA VAL A 195 -5.76 -1.65 -16.39
C VAL A 195 -4.42 -2.35 -16.60
N SER A 196 -4.07 -2.62 -17.86
CA SER A 196 -2.87 -3.39 -18.15
C SER A 196 -1.81 -2.79 -19.07
N SER A 197 -0.61 -2.60 -18.51
CA SER A 197 0.55 -2.17 -19.28
C SER A 197 0.86 -2.98 -20.55
N ARG A 198 0.99 -4.30 -20.40
CA ARG A 198 1.30 -5.20 -21.52
C ARG A 198 0.28 -5.07 -22.63
N SER A 199 -0.98 -4.90 -22.23
CA SER A 199 -2.11 -4.88 -23.15
C SER A 199 -2.23 -3.54 -23.88
N GLY A 200 -1.95 -2.46 -23.16
CA GLY A 200 -2.02 -1.13 -23.75
C GLY A 200 -0.93 -0.89 -24.78
N MET A 201 0.31 -1.20 -24.42
CA MET A 201 1.43 -0.95 -25.32
C MET A 201 1.27 -1.81 -26.58
N SER A 202 0.61 -2.95 -26.43
CA SER A 202 0.35 -3.82 -27.56
C SER A 202 -0.64 -3.19 -28.55
N LEU A 203 -1.73 -2.64 -28.03
CA LEU A 203 -2.73 -1.99 -28.91
C LEU A 203 -2.11 -0.80 -29.64
N THR A 204 -1.26 -0.06 -28.93
CA THR A 204 -0.58 1.09 -29.50
C THR A 204 0.46 0.67 -30.54
N ARG A 205 1.37 -0.22 -30.15
CA ARG A 205 2.34 -0.75 -31.09
C ARG A 205 1.66 -1.20 -32.39
N ASP A 206 0.57 -1.94 -32.26
CA ASP A 206 -0.08 -2.55 -33.43
C ASP A 206 -0.92 -1.61 -34.30
N THR A 207 -1.49 -0.57 -33.70
CA THR A 207 -2.52 0.20 -34.41
C THR A 207 -2.33 1.71 -34.38
N SER A 208 -1.38 2.19 -33.61
CA SER A 208 -1.31 3.62 -33.35
C SER A 208 -0.81 4.41 -34.55
N ARG A 209 -1.54 5.44 -34.91
CA ARG A 209 -1.18 6.29 -36.03
C ARG A 209 0.02 7.19 -35.72
N PHE A 210 0.45 7.23 -34.46
CA PHE A 210 1.62 8.03 -34.10
C PHE A 210 2.78 7.17 -33.62
N TYR A 211 2.71 5.87 -33.88
CA TYR A 211 3.77 5.01 -33.39
C TYR A 211 5.10 5.19 -34.14
N GLN A 212 5.04 5.37 -35.46
CA GLN A 212 6.28 5.60 -36.21
C GLN A 212 6.98 6.85 -35.69
N TYR A 213 6.18 7.85 -35.35
CA TYR A 213 6.73 9.10 -34.82
C TYR A 213 7.54 8.81 -33.56
N TRP A 214 7.05 7.88 -32.74
CA TRP A 214 7.79 7.43 -31.56
C TRP A 214 9.10 6.74 -31.96
N LEU A 215 8.98 5.76 -32.85
CA LEU A 215 10.15 5.02 -33.32
C LEU A 215 11.22 5.94 -33.90
N ASP A 216 10.79 6.95 -34.66
CA ASP A 216 11.73 7.81 -35.38
C ASP A 216 12.58 8.64 -34.45
N HIS A 217 12.18 8.76 -33.18
CA HIS A 217 12.83 9.70 -32.28
C HIS A 217 13.52 9.03 -31.10
N VAL A 218 13.18 7.79 -30.83
CA VAL A 218 13.65 7.19 -29.59
C VAL A 218 15.18 7.02 -29.52
N ASP A 219 15.83 6.64 -30.62
CA ASP A 219 17.29 6.46 -30.61
C ASP A 219 18.03 7.77 -30.36
N GLU A 220 17.56 8.82 -31.02
CA GLU A 220 18.07 10.16 -30.81
C GLU A 220 17.96 10.55 -29.33
N ASP A 221 16.75 10.35 -28.78
CA ASP A 221 16.50 10.64 -27.36
C ASP A 221 17.45 9.87 -26.45
N LEU A 222 17.57 8.58 -26.71
CA LEU A 222 18.40 7.69 -25.92
C LEU A 222 19.86 8.15 -25.93
N ASN A 223 20.37 8.49 -27.11
CA ASN A 223 21.76 8.96 -27.22
C ASN A 223 21.95 10.26 -26.43
N GLU A 224 21.03 11.20 -26.63
CA GLU A 224 21.06 12.47 -25.92
C GLU A 224 21.05 12.27 -24.40
N ALA A 225 20.21 11.35 -23.93
CA ALA A 225 20.15 11.04 -22.50
C ALA A 225 21.48 10.48 -21.98
N LYS A 226 22.06 9.53 -22.72
CA LYS A 226 23.31 8.90 -22.31
C LYS A 226 24.48 9.89 -22.34
N GLU A 227 24.53 10.74 -23.35
CA GLU A 227 25.54 11.79 -23.40
C GLU A 227 25.34 12.68 -22.18
N ALA A 228 24.08 12.98 -21.89
CA ALA A 228 23.76 13.81 -20.73
C ALA A 228 24.31 13.18 -19.46
N VAL A 229 24.17 11.86 -19.34
CA VAL A 229 24.64 11.16 -18.13
C VAL A 229 26.17 11.18 -18.04
N LYS A 230 26.84 10.96 -19.16
CA LYS A 230 28.30 11.03 -19.19
C LYS A 230 28.82 12.36 -18.65
N ASN A 231 28.06 13.42 -18.88
CA ASN A 231 28.46 14.75 -18.44
C ASN A 231 27.82 15.18 -17.14
N GLN A 232 27.09 14.27 -16.51
CA GLN A 232 26.32 14.62 -15.32
C GLN A 232 25.60 15.96 -15.52
N ASP A 233 25.02 16.10 -16.70
CA ASP A 233 24.29 17.31 -17.11
C ASP A 233 22.81 17.10 -16.84
N PHE A 234 22.35 17.59 -15.70
CA PHE A 234 21.00 17.30 -15.22
C PHE A 234 19.90 17.91 -16.08
N GLN A 235 20.05 19.19 -16.42
CA GLN A 235 19.05 19.88 -17.23
C GLN A 235 18.90 19.19 -18.58
N ARG A 236 20.03 18.74 -19.11
CA ARG A 236 20.09 18.07 -20.40
C ARG A 236 19.39 16.71 -20.36
N LEU A 237 19.66 15.94 -19.31
CA LEU A 237 19.00 14.65 -19.12
C LEU A 237 17.49 14.87 -18.96
N GLY A 238 17.17 15.79 -18.05
CA GLY A 238 15.79 16.09 -17.70
C GLY A 238 14.93 16.50 -18.87
N GLU A 239 15.43 17.41 -19.69
CA GLU A 239 14.61 17.89 -20.79
C GLU A 239 14.29 16.79 -21.76
N VAL A 240 15.27 15.97 -22.11
CA VAL A 240 15.03 14.94 -23.12
C VAL A 240 14.16 13.81 -22.57
N ILE A 241 14.36 13.44 -21.32
CA ILE A 241 13.54 12.36 -20.78
C ILE A 241 12.10 12.82 -20.59
N GLU A 242 11.91 14.10 -20.27
CA GLU A 242 10.54 14.59 -20.12
C GLU A 242 9.81 14.58 -21.47
N ALA A 243 10.49 15.01 -22.53
CA ALA A 243 9.93 15.00 -23.88
C ALA A 243 9.66 13.58 -24.37
N ASN A 244 10.61 12.71 -24.11
CA ASN A 244 10.48 11.30 -24.49
C ASN A 244 9.23 10.70 -23.86
N GLY A 245 9.14 10.87 -22.54
CA GLY A 245 8.01 10.34 -21.77
C GLY A 245 6.69 10.81 -22.31
N LEU A 246 6.62 12.08 -22.69
CA LEU A 246 5.40 12.65 -23.25
C LEU A 246 5.10 12.07 -24.63
N ARG A 247 6.12 11.93 -25.48
CA ARG A 247 5.90 11.29 -26.78
C ARG A 247 5.33 9.88 -26.60
N MET A 248 5.83 9.15 -25.62
CA MET A 248 5.34 7.80 -25.36
C MET A 248 3.82 7.84 -25.14
N HIS A 249 3.37 8.81 -24.34
CA HIS A 249 1.95 8.92 -24.06
C HIS A 249 1.17 9.43 -25.26
N ALA A 250 1.81 10.25 -26.08
CA ALA A 250 1.18 10.71 -27.31
C ALA A 250 0.79 9.53 -28.23
N THR A 251 1.60 8.48 -28.23
CA THR A 251 1.33 7.34 -29.10
C THR A 251 0.00 6.69 -28.76
N ASN A 252 -0.31 6.65 -27.47
CA ASN A 252 -1.59 6.09 -27.04
C ASN A 252 -2.76 6.87 -27.63
N LEU A 253 -2.59 8.19 -27.73
CA LEU A 253 -3.62 9.05 -28.30
C LEU A 253 -3.91 8.68 -29.77
N GLY A 254 -2.97 8.03 -30.44
CA GLY A 254 -3.14 7.66 -31.84
C GLY A 254 -3.66 6.24 -32.07
N ALA A 255 -3.76 5.48 -30.99
CA ALA A 255 -4.22 4.08 -31.03
C ALA A 255 -5.63 3.95 -31.61
N GLN A 256 -5.99 2.73 -31.99
CA GLN A 256 -7.29 2.47 -32.59
C GLN A 256 -8.15 1.55 -31.71
N PRO A 257 -9.02 2.13 -30.87
CA PRO A 257 -9.29 3.56 -30.71
C PRO A 257 -8.39 4.10 -29.61
N PRO A 258 -8.41 5.43 -29.41
CA PRO A 258 -7.41 6.05 -28.52
C PRO A 258 -7.64 5.81 -27.04
N PHE A 259 -6.57 5.95 -26.29
CA PHE A 259 -6.68 5.93 -24.85
C PHE A 259 -5.62 6.82 -24.22
N THR A 260 -5.77 7.05 -22.92
CA THR A 260 -4.74 7.76 -22.18
C THR A 260 -4.64 7.18 -20.78
N TYR A 261 -3.46 7.29 -20.18
CA TYR A 261 -3.22 6.90 -18.78
C TYR A 261 -3.24 8.10 -17.85
N LEU A 262 -3.30 9.28 -18.45
CA LEU A 262 -3.18 10.51 -17.70
C LEU A 262 -4.55 11.05 -17.32
N VAL A 263 -4.66 11.57 -16.11
CA VAL A 263 -5.84 12.31 -15.70
C VAL A 263 -5.49 13.76 -15.38
N GLN A 264 -6.50 14.59 -15.16
CA GLN A 264 -6.29 16.03 -14.97
C GLN A 264 -5.33 16.29 -13.82
N GLU A 265 -5.40 15.45 -12.78
CA GLU A 265 -4.50 15.60 -11.64
C GLU A 265 -3.04 15.37 -12.04
N SER A 266 -2.81 14.54 -13.06
CA SER A 266 -1.45 14.30 -13.53
C SER A 266 -0.98 15.62 -14.14
N TYR A 267 -1.85 16.22 -14.94
CA TYR A 267 -1.54 17.50 -15.58
C TYR A 267 -1.27 18.58 -14.53
N ASP A 268 -2.09 18.65 -13.50
CA ASP A 268 -1.82 19.57 -12.39
C ASP A 268 -0.40 19.41 -11.84
N ALA A 269 -0.02 18.18 -11.50
CA ALA A 269 1.33 17.96 -10.97
C ALA A 269 2.42 18.33 -11.97
N MET A 270 2.18 18.08 -13.26
CA MET A 270 3.13 18.47 -14.30
C MET A 270 3.36 19.98 -14.30
N ALA A 271 2.31 20.73 -13.99
CA ALA A 271 2.35 22.18 -13.91
C ALA A 271 3.20 22.65 -12.74
N ILE A 272 3.15 21.90 -11.65
CA ILE A 272 3.92 22.26 -10.48
C ILE A 272 5.40 22.05 -10.79
N VAL A 273 5.69 21.06 -11.62
CA VAL A 273 7.07 20.78 -11.99
C VAL A 273 7.65 21.96 -12.78
N GLU A 274 6.89 22.43 -13.77
CA GLU A 274 7.32 23.58 -14.57
C GLU A 274 7.36 24.87 -13.70
N GLN A 275 6.46 25.01 -12.73
CA GLN A 275 6.55 26.14 -11.80
C GLN A 275 7.87 26.08 -11.06
N CYS A 276 8.23 24.88 -10.60
CA CYS A 276 9.48 24.69 -9.86
C CYS A 276 10.70 25.10 -10.71
N ARG A 277 10.70 24.73 -11.98
CA ARG A 277 11.80 25.10 -12.86
C ARG A 277 11.90 26.62 -12.96
N LYS A 278 10.77 27.25 -13.23
CA LYS A 278 10.72 28.71 -13.35
C LYS A 278 11.13 29.38 -12.04
N ALA A 279 11.04 28.66 -10.93
CA ALA A 279 11.46 29.21 -9.65
C ALA A 279 12.85 28.72 -9.22
N ASN A 280 13.65 28.32 -10.20
CA ASN A 280 15.04 27.92 -9.96
C ASN A 280 15.21 26.65 -9.14
N LEU A 281 14.24 25.76 -9.26
CA LEU A 281 14.34 24.42 -8.68
C LEU A 281 14.15 23.40 -9.80
N PRO A 282 15.24 23.09 -10.52
CA PRO A 282 15.26 22.14 -11.65
C PRO A 282 14.68 20.77 -11.31
N CYS A 283 13.78 20.29 -12.17
CA CYS A 283 13.22 18.95 -12.03
C CYS A 283 12.38 18.61 -13.26
N TYR A 284 12.12 17.33 -13.47
CA TYR A 284 11.45 16.88 -14.68
C TYR A 284 10.60 15.67 -14.36
N PHE A 285 9.55 15.48 -15.14
CA PHE A 285 8.58 14.43 -14.82
C PHE A 285 8.51 13.34 -15.88
N THR A 286 8.01 12.20 -15.45
CA THR A 286 7.70 11.10 -16.36
C THR A 286 6.56 10.29 -15.76
N MET A 287 5.83 9.58 -16.63
CA MET A 287 4.68 8.81 -16.20
C MET A 287 4.72 7.44 -16.87
N ALA A 288 4.29 6.40 -16.17
CA ALA A 288 4.26 5.05 -16.74
C ALA A 288 2.86 4.72 -17.26
N ALA A 289 2.41 3.50 -17.00
CA ALA A 289 1.09 3.06 -17.46
C ALA A 289 0.01 3.38 -16.43
N GLY A 290 -0.06 4.65 -16.03
CA GLY A 290 -1.01 5.13 -15.04
C GLY A 290 -0.81 6.62 -14.85
N PRO A 291 -1.64 7.25 -14.00
CA PRO A 291 -1.63 8.71 -13.81
C PRO A 291 -0.58 9.23 -12.83
N ASN A 292 0.13 8.34 -12.13
CA ASN A 292 1.11 8.81 -11.18
C ASN A 292 2.18 9.63 -11.87
N VAL A 293 2.60 10.72 -11.23
CA VAL A 293 3.67 11.54 -11.79
C VAL A 293 4.94 11.35 -10.98
N LYS A 294 6.02 10.98 -11.65
CA LYS A 294 7.32 10.79 -11.03
C LYS A 294 8.21 11.98 -11.37
N VAL A 295 8.82 12.58 -10.34
CA VAL A 295 9.59 13.79 -10.52
C VAL A 295 11.07 13.55 -10.23
N LEU A 296 11.86 13.51 -11.30
CA LEU A 296 13.31 13.42 -11.18
C LEU A 296 13.88 14.75 -10.68
N VAL A 297 14.63 14.71 -9.59
CA VAL A 297 15.14 15.96 -9.03
C VAL A 297 16.53 15.72 -8.44
N GLU A 298 17.35 16.76 -8.34
CA GLU A 298 18.65 16.58 -7.71
C GLU A 298 18.41 16.44 -6.22
N LYS A 299 19.22 15.63 -5.55
CA LYS A 299 18.96 15.34 -4.15
C LYS A 299 18.96 16.62 -3.31
N LYS A 300 19.78 17.59 -3.71
CA LYS A 300 19.89 18.86 -3.00
C LYS A 300 18.59 19.66 -3.05
N ASN A 301 17.75 19.41 -4.05
CA ASN A 301 16.51 20.15 -4.20
C ASN A 301 15.28 19.34 -3.82
N LYS A 302 15.51 18.09 -3.45
CA LYS A 302 14.43 17.18 -3.13
C LYS A 302 13.37 17.79 -2.20
N GLN A 303 13.80 18.32 -1.07
CA GLN A 303 12.85 18.80 -0.06
C GLN A 303 12.09 20.02 -0.58
N ALA A 304 12.81 20.96 -1.18
CA ALA A 304 12.19 22.17 -1.70
C ALA A 304 11.10 21.83 -2.71
N VAL A 305 11.43 20.98 -3.67
CA VAL A 305 10.43 20.53 -4.64
C VAL A 305 9.26 19.84 -3.92
N MET A 306 9.56 18.99 -2.94
CA MET A 306 8.47 18.30 -2.23
C MET A 306 7.51 19.28 -1.53
N GLU A 307 8.05 20.32 -0.92
CA GLU A 307 7.19 21.32 -0.27
C GLU A 307 6.29 22.04 -1.27
N GLN A 308 6.74 22.19 -2.51
CA GLN A 308 5.91 22.81 -3.53
C GLN A 308 4.70 21.91 -3.80
N PHE A 309 4.95 20.62 -3.93
CA PHE A 309 3.85 19.66 -4.02
C PHE A 309 2.99 19.60 -2.77
N LEU A 310 3.62 19.69 -1.61
CA LEU A 310 2.90 19.54 -0.35
C LEU A 310 1.93 20.70 -0.09
N LYS A 311 1.99 21.74 -0.93
CA LYS A 311 1.02 22.84 -0.88
C LYS A 311 -0.29 22.45 -1.56
N VAL A 312 -0.23 21.45 -2.43
CA VAL A 312 -1.40 21.06 -3.22
C VAL A 312 -1.95 19.69 -2.84
N PHE A 313 -1.04 18.78 -2.52
CA PHE A 313 -1.35 17.36 -2.40
C PHE A 313 -1.22 16.92 -0.96
N ASP A 314 -2.00 15.91 -0.58
CA ASP A 314 -1.87 15.28 0.73
C ASP A 314 -0.46 14.79 0.96
N GLU A 315 0.03 14.97 2.19
CA GLU A 315 1.35 14.54 2.59
C GLU A 315 1.56 13.06 2.30
N SER A 316 0.49 12.30 2.32
CA SER A 316 0.61 10.87 2.14
C SER A 316 0.89 10.50 0.67
N LYS A 317 0.61 11.44 -0.23
CA LYS A 317 0.72 11.18 -1.65
C LYS A 317 2.04 11.67 -2.25
N ILE A 318 2.89 12.25 -1.42
CA ILE A 318 4.20 12.74 -1.86
C ILE A 318 5.31 11.89 -1.24
N ILE A 319 5.83 10.94 -2.02
CA ILE A 319 6.77 9.94 -1.52
C ILE A 319 8.08 10.00 -2.30
N ALA A 320 9.17 10.30 -1.62
CA ALA A 320 10.46 10.42 -2.29
C ALA A 320 11.28 9.15 -2.13
N SER A 321 12.17 8.92 -3.09
CA SER A 321 13.15 7.85 -3.00
C SER A 321 14.50 8.28 -3.58
N ASP A 322 15.58 7.81 -2.97
CA ASP A 322 16.91 8.04 -3.52
C ASP A 322 17.17 7.00 -4.60
N ILE A 323 18.31 7.11 -5.28
CA ILE A 323 18.70 6.12 -6.28
C ILE A 323 19.83 5.27 -5.72
N ILE A 324 19.68 3.96 -5.84
CA ILE A 324 20.59 3.05 -5.20
C ILE A 324 21.72 2.76 -6.16
N SER A 325 22.92 2.52 -5.63
CA SER A 325 24.10 2.33 -6.48
C SER A 325 24.35 0.87 -6.80
N SER A 326 23.94 0.00 -5.89
CA SER A 326 24.22 -1.44 -6.04
C SER A 326 23.06 -2.19 -6.71
N GLY A 327 23.36 -3.33 -7.32
CA GLY A 327 22.35 -4.15 -7.98
C GLY A 327 21.71 -5.22 -7.10
N VAL A 328 21.14 -6.25 -7.74
CA VAL A 328 20.34 -7.24 -7.02
C VAL A 328 21.22 -7.85 -5.92
N GLU A 329 20.65 -8.12 -4.76
CA GLU A 329 21.47 -8.67 -3.68
C GLU A 329 20.93 -9.97 -3.11
N ILE A 330 21.84 -10.85 -2.70
CA ILE A 330 21.46 -12.11 -2.08
C ILE A 330 21.38 -11.89 -0.59
N ILE A 331 20.23 -12.23 0.00
CA ILE A 331 20.03 -12.01 1.43
C ILE A 331 19.60 -13.26 2.17
N LYS A 332 19.46 -13.15 3.49
CA LYS A 332 18.89 -14.19 4.34
C LYS A 332 17.36 -14.08 4.36
N MET B 6 17.91 5.20 34.44
CA MET B 6 17.64 6.57 33.97
C MET B 6 16.47 6.62 32.98
N VAL B 7 16.54 5.82 31.92
CA VAL B 7 15.53 5.83 30.87
C VAL B 7 14.53 4.68 30.98
N LYS B 8 13.26 4.98 30.66
CA LYS B 8 12.21 3.96 30.67
C LYS B 8 11.62 3.79 29.28
N SER B 9 11.57 2.56 28.79
CA SER B 9 11.06 2.32 27.44
C SER B 9 10.25 1.03 27.35
N GLY B 10 9.44 0.96 26.29
CA GLY B 10 8.54 -0.15 26.08
C GLY B 10 8.05 -0.12 24.64
N LYS B 11 7.66 -1.28 24.14
CA LYS B 11 7.24 -1.37 22.75
C LYS B 11 6.08 -2.32 22.65
N ALA B 12 5.16 -2.01 21.75
CA ALA B 12 3.93 -2.76 21.64
C ALA B 12 3.40 -2.75 20.21
N ARG B 13 2.60 -3.76 19.87
CA ARG B 13 1.95 -3.84 18.57
C ARG B 13 0.44 -3.90 18.73
N ALA B 14 -0.28 -3.01 18.06
CA ALA B 14 -1.73 -3.06 18.05
C ALA B 14 -2.21 -3.09 16.62
N HIS B 15 -3.32 -3.79 16.41
CA HIS B 15 -3.88 -3.92 15.07
C HIS B 15 -5.08 -3.00 14.83
N THR B 16 -5.33 -2.64 13.58
CA THR B 16 -6.46 -1.77 13.29
C THR B 16 -7.69 -2.61 13.53
N ASN B 17 -8.84 -1.96 13.59
CA ASN B 17 -10.10 -2.65 13.78
C ASN B 17 -11.14 -1.90 12.98
N ILE B 18 -12.09 -2.64 12.39
CA ILE B 18 -13.15 -2.03 11.59
C ILE B 18 -14.49 -2.05 12.35
N ALA B 19 -15.11 -0.88 12.52
CA ALA B 19 -16.40 -0.79 13.19
C ALA B 19 -17.49 -1.38 12.29
N LEU B 20 -18.18 -2.41 12.80
CA LEU B 20 -19.33 -3.02 12.11
C LEU B 20 -20.62 -2.33 12.52
N ILE B 21 -20.79 -2.14 13.83
CA ILE B 21 -21.77 -1.18 14.35
C ILE B 21 -21.00 0.10 14.68
N LYS B 22 -21.34 1.19 13.99
CA LYS B 22 -20.49 2.37 13.94
C LYS B 22 -20.47 3.24 15.18
N TYR B 23 -19.29 3.78 15.45
CA TYR B 23 -19.11 4.89 16.37
C TYR B 23 -19.15 6.13 15.53
N TRP B 24 -20.12 7.01 15.80
CA TRP B 24 -20.24 8.18 14.98
C TRP B 24 -20.95 9.26 15.77
N GLY B 25 -20.17 10.16 16.37
CA GLY B 25 -20.71 11.23 17.19
C GLY B 25 -20.30 11.05 18.64
N LYS B 26 -19.86 12.14 19.27
CA LYS B 26 -19.42 12.09 20.66
C LYS B 26 -20.46 12.75 21.57
N ALA B 27 -20.63 12.19 22.76
CA ALA B 27 -21.38 12.86 23.81
C ALA B 27 -20.44 13.89 24.45
N ASP B 28 -19.21 13.46 24.71
CA ASP B 28 -18.22 14.35 25.31
C ASP B 28 -16.95 14.43 24.45
N GLU B 29 -16.64 15.63 23.97
CA GLU B 29 -15.50 15.86 23.11
C GLU B 29 -14.18 15.77 23.88
N THR B 30 -14.19 16.25 25.12
CA THR B 30 -12.98 16.29 25.94
C THR B 30 -12.47 14.90 26.26
N TYR B 31 -13.34 14.06 26.81
CA TYR B 31 -12.97 12.71 27.23
C TYR B 31 -13.23 11.62 26.16
N ILE B 32 -13.77 12.02 25.02
CA ILE B 32 -14.14 11.09 23.95
C ILE B 32 -15.10 10.02 24.47
N ILE B 33 -16.31 10.45 24.81
CA ILE B 33 -17.37 9.55 25.20
C ILE B 33 -18.38 9.52 24.05
N PRO B 34 -18.72 8.32 23.55
CA PRO B 34 -19.51 8.25 22.32
C PRO B 34 -21.02 8.38 22.57
N MET B 35 -21.77 8.79 21.55
CA MET B 35 -23.22 8.86 21.67
C MET B 35 -23.81 7.46 21.78
N ASN B 36 -23.08 6.45 21.32
CA ASN B 36 -23.60 5.10 21.29
C ASN B 36 -22.48 4.05 21.34
N ASN B 37 -22.83 2.81 21.67
CA ASN B 37 -21.86 1.72 21.64
C ASN B 37 -21.47 1.38 20.21
N SER B 38 -20.31 0.76 20.06
CA SER B 38 -19.85 0.31 18.76
C SER B 38 -19.30 -1.12 18.85
N LEU B 39 -19.28 -1.81 17.72
CA LEU B 39 -18.85 -3.20 17.69
C LEU B 39 -17.95 -3.39 16.49
N SER B 40 -16.71 -3.82 16.72
CA SER B 40 -15.74 -3.95 15.65
C SER B 40 -15.11 -5.32 15.62
N VAL B 41 -14.38 -5.59 14.54
CA VAL B 41 -13.49 -6.74 14.43
C VAL B 41 -12.05 -6.28 14.20
N THR B 42 -11.09 -6.96 14.83
CA THR B 42 -9.70 -6.55 14.71
C THR B 42 -8.98 -7.34 13.62
N LEU B 43 -8.19 -6.63 12.81
CA LEU B 43 -7.59 -7.20 11.62
C LEU B 43 -6.18 -7.69 11.85
N ASP B 44 -5.88 -8.84 11.28
CA ASP B 44 -4.57 -9.47 11.36
C ASP B 44 -3.48 -8.68 10.60
N ARG B 45 -3.87 -8.14 9.45
CA ARG B 45 -2.89 -7.70 8.44
C ARG B 45 -2.35 -6.30 8.64
N PHE B 46 -3.12 -5.45 9.29
CA PHE B 46 -2.78 -4.03 9.40
C PHE B 46 -2.56 -3.64 10.85
N TYR B 47 -1.46 -2.98 11.13
CA TYR B 47 -1.12 -2.70 12.51
C TYR B 47 -0.06 -1.63 12.66
N THR B 48 0.21 -1.29 13.91
CA THR B 48 1.21 -0.30 14.28
C THR B 48 2.14 -0.87 15.36
N GLU B 49 3.45 -0.69 15.19
CA GLU B 49 4.40 -1.00 16.25
C GLU B 49 4.94 0.31 16.80
N THR B 50 4.90 0.47 18.11
CA THR B 50 5.28 1.73 18.73
C THR B 50 6.23 1.54 19.92
N LYS B 51 7.41 2.17 19.82
CA LYS B 51 8.35 2.21 20.93
C LYS B 51 8.29 3.58 21.59
N VAL B 52 8.13 3.60 22.91
CA VAL B 52 8.20 4.84 23.65
C VAL B 52 9.44 4.82 24.54
N THR B 53 10.07 5.98 24.66
CA THR B 53 11.21 6.12 25.54
C THR B 53 11.09 7.40 26.34
N PHE B 54 10.97 7.26 27.65
CA PHE B 54 10.92 8.40 28.55
C PHE B 54 12.32 8.72 29.08
N ASP B 55 12.80 9.91 28.76
CA ASP B 55 14.15 10.32 29.17
C ASP B 55 14.08 11.64 29.92
N PRO B 56 14.65 11.67 31.13
CA PRO B 56 14.65 12.87 31.98
C PRO B 56 15.13 14.09 31.21
N ASP B 57 15.97 13.86 30.20
CA ASP B 57 16.60 14.94 29.45
C ASP B 57 15.78 15.51 28.29
N PHE B 58 14.67 14.85 27.94
CA PHE B 58 13.79 15.37 26.90
C PHE B 58 13.00 16.55 27.46
N THR B 59 12.73 17.55 26.63
CA THR B 59 12.02 18.73 27.09
C THR B 59 10.62 18.77 26.49
N GLU B 60 10.38 17.92 25.51
CA GLU B 60 9.07 17.84 24.86
C GLU B 60 8.89 16.49 24.18
N ASP B 61 7.63 16.08 24.05
CA ASP B 61 7.30 14.83 23.38
C ASP B 61 7.56 14.95 21.88
N CYS B 62 8.08 13.87 21.33
CA CYS B 62 8.31 13.80 19.91
C CYS B 62 7.86 12.45 19.36
N LEU B 63 7.11 12.48 18.26
CA LEU B 63 6.68 11.27 17.58
C LEU B 63 7.32 11.15 16.20
N ILE B 64 8.18 10.14 16.01
CA ILE B 64 8.69 9.82 14.69
C ILE B 64 7.83 8.71 14.08
N LEU B 65 7.15 9.03 12.99
CA LEU B 65 6.27 8.08 12.35
C LEU B 65 6.85 7.60 11.01
N ASN B 66 7.23 6.34 10.96
CA ASN B 66 7.77 5.75 9.74
C ASN B 66 9.02 6.48 9.29
N GLY B 67 9.88 6.80 10.25
CA GLY B 67 11.15 7.45 9.97
C GLY B 67 11.09 8.96 9.91
N ASN B 68 9.90 9.50 9.68
CA ASN B 68 9.74 10.94 9.48
C ASN B 68 8.99 11.64 10.62
N GLU B 69 9.20 12.94 10.75
CA GLU B 69 8.58 13.72 11.81
C GLU B 69 7.14 14.07 11.46
N VAL B 70 6.29 14.16 12.48
CA VAL B 70 4.86 14.41 12.26
C VAL B 70 4.53 15.90 12.21
N ASN B 71 3.43 16.25 11.53
CA ASN B 71 3.00 17.64 11.42
C ASN B 71 2.47 18.20 12.73
N ALA B 72 2.33 19.52 12.78
CA ALA B 72 1.99 20.19 14.02
C ALA B 72 0.68 19.73 14.64
N LYS B 73 -0.34 19.55 13.82
CA LYS B 73 -1.65 19.13 14.30
C LYS B 73 -1.54 17.86 15.13
N GLU B 74 -0.93 16.83 14.54
CA GLU B 74 -0.75 15.58 15.26
C GLU B 74 0.26 15.73 16.39
N LYS B 75 1.26 16.57 16.18
CA LYS B 75 2.29 16.77 17.19
C LYS B 75 1.70 17.31 18.50
N GLU B 76 0.88 18.34 18.41
CA GLU B 76 0.30 18.90 19.63
C GLU B 76 -0.69 17.90 20.21
N LYS B 77 -1.31 17.13 19.33
CA LYS B 77 -2.23 16.07 19.75
C LYS B 77 -1.50 15.03 20.62
N ILE B 78 -0.30 14.64 20.20
CA ILE B 78 0.54 13.74 20.99
C ILE B 78 0.95 14.34 22.34
N GLN B 79 1.28 15.63 22.34
CA GLN B 79 1.69 16.29 23.58
C GLN B 79 0.55 16.34 24.59
N ASN B 80 -0.65 16.66 24.13
CA ASN B 80 -1.82 16.60 25.00
C ASN B 80 -2.04 15.19 25.52
N TYR B 81 -1.96 14.20 24.63
CA TYR B 81 -2.13 12.81 25.04
C TYR B 81 -1.14 12.41 26.11
N MET B 82 0.15 12.68 25.85
CA MET B 82 1.21 12.29 26.78
C MET B 82 1.03 12.93 28.16
N ASN B 83 0.41 14.11 28.20
CA ASN B 83 0.07 14.73 29.46
C ASN B 83 -0.86 13.86 30.27
N ILE B 84 -1.78 13.18 29.59
CA ILE B 84 -2.68 12.26 30.26
C ILE B 84 -1.84 11.15 30.88
N VAL B 85 -0.90 10.62 30.10
CA VAL B 85 -0.05 9.53 30.55
C VAL B 85 0.77 9.93 31.77
N ARG B 86 1.32 11.15 31.73
CA ARG B 86 2.12 11.64 32.83
C ARG B 86 1.30 11.74 34.11
N ASP B 87 0.11 12.34 34.03
CA ASP B 87 -0.80 12.40 35.17
C ASP B 87 -1.05 11.02 35.74
N LEU B 88 -1.46 10.11 34.87
CA LEU B 88 -1.74 8.73 35.27
C LEU B 88 -0.52 8.06 35.90
N ALA B 89 0.66 8.32 35.34
CA ALA B 89 1.89 7.71 35.85
C ALA B 89 2.39 8.42 37.11
N GLY B 90 2.16 9.73 37.17
CA GLY B 90 2.65 10.54 38.27
C GLY B 90 4.10 10.91 38.09
N ASN B 91 4.47 11.31 36.86
CA ASN B 91 5.81 11.83 36.62
C ASN B 91 5.76 12.96 35.59
N ARG B 92 6.92 13.51 35.27
CA ARG B 92 6.97 14.65 34.35
C ARG B 92 7.92 14.36 33.20
N LEU B 93 8.05 13.09 32.85
CA LEU B 93 8.98 12.70 31.79
C LEU B 93 8.34 12.85 30.42
N HIS B 94 9.08 13.47 29.50
CA HIS B 94 8.66 13.52 28.12
C HIS B 94 9.20 12.31 27.37
N ALA B 95 8.52 11.95 26.29
CA ALA B 95 8.87 10.74 25.58
C ALA B 95 9.17 11.00 24.13
N ARG B 96 10.15 10.26 23.62
CA ARG B 96 10.37 10.12 22.21
C ARG B 96 9.63 8.86 21.76
N ILE B 97 8.76 9.03 20.77
CA ILE B 97 7.91 7.95 20.33
C ILE B 97 8.31 7.56 18.92
N GLU B 98 8.67 6.29 18.73
CA GLU B 98 9.07 5.81 17.42
C GLU B 98 8.05 4.80 16.94
N SER B 99 7.19 5.23 16.04
CA SER B 99 6.11 4.38 15.58
C SER B 99 6.27 4.00 14.12
N GLU B 100 5.77 2.82 13.78
CA GLU B 100 5.79 2.34 12.41
C GLU B 100 4.42 1.74 12.06
N ASN B 101 3.77 2.26 11.02
CA ASN B 101 2.48 1.76 10.58
C ASN B 101 2.65 0.72 9.48
N TYR B 102 2.15 -0.50 9.71
CA TYR B 102 2.23 -1.54 8.69
C TYR B 102 0.90 -1.60 7.94
N VAL B 103 0.81 -0.78 6.90
CA VAL B 103 -0.38 -0.66 6.09
C VAL B 103 0.09 -0.41 4.66
N PRO B 104 -0.77 -0.68 3.68
CA PRO B 104 -0.41 -0.29 2.30
C PRO B 104 -0.37 1.23 2.15
N THR B 105 0.75 1.70 1.60
CA THR B 105 1.06 3.12 1.49
C THR B 105 0.02 3.93 0.68
N ALA B 106 -0.37 5.08 1.20
CA ALA B 106 -1.19 6.02 0.44
C ALA B 106 -2.45 5.37 -0.11
N ALA B 107 -3.05 4.50 0.69
CA ALA B 107 -4.24 3.78 0.27
C ALA B 107 -5.44 4.19 1.13
N GLY B 108 -5.21 5.11 2.07
CA GLY B 108 -6.27 5.69 2.86
C GLY B 108 -6.64 4.83 4.06
N LEU B 109 -5.69 4.00 4.48
CA LEU B 109 -5.96 3.08 5.57
C LEU B 109 -5.47 3.48 6.95
N ALA B 110 -4.68 4.54 6.99
CA ALA B 110 -3.95 4.87 8.21
C ALA B 110 -5.03 4.87 9.30
N SER B 111 -4.84 4.10 10.37
CA SER B 111 -5.77 4.22 11.48
C SER B 111 -5.20 4.80 12.79
N SER B 112 -5.98 5.67 13.40
CA SER B 112 -5.64 6.17 14.70
C SER B 112 -5.91 5.08 15.75
N ALA B 113 -6.79 4.13 15.43
CA ALA B 113 -7.08 3.05 16.36
C ALA B 113 -5.81 2.30 16.73
N SER B 114 -5.05 1.84 15.75
CA SER B 114 -3.86 1.05 16.05
C SER B 114 -2.79 1.94 16.66
N ALA B 115 -2.69 3.17 16.18
CA ALA B 115 -1.67 4.09 16.69
C ALA B 115 -1.79 4.28 18.20
N TYR B 116 -2.99 4.61 18.68
CA TYR B 116 -3.16 4.95 20.09
C TYR B 116 -3.26 3.76 21.03
N ALA B 117 -3.73 2.63 20.53
CA ALA B 117 -3.72 1.43 21.32
C ALA B 117 -2.27 0.98 21.54
N ALA B 118 -1.46 1.04 20.49
CA ALA B 118 -0.05 0.65 20.59
C ALA B 118 0.70 1.57 21.55
N LEU B 119 0.52 2.88 21.39
CA LEU B 119 1.12 3.86 22.28
C LEU B 119 0.68 3.62 23.73
N ALA B 120 -0.63 3.47 23.94
CA ALA B 120 -1.13 3.25 25.27
C ALA B 120 -0.48 2.04 25.89
N ALA B 121 -0.46 0.92 25.17
CA ALA B 121 0.17 -0.26 25.75
C ALA B 121 1.69 -0.07 25.89
N ALA B 122 2.28 0.68 24.98
CA ALA B 122 3.73 0.91 25.00
C ALA B 122 4.10 1.64 26.28
N CYS B 123 3.32 2.67 26.59
CA CYS B 123 3.50 3.42 27.81
C CYS B 123 3.29 2.52 29.02
N ASN B 124 2.19 1.77 29.00
CA ASN B 124 1.88 0.82 30.07
C ASN B 124 3.05 -0.09 30.44
N GLU B 125 3.83 -0.47 29.43
CA GLU B 125 4.97 -1.35 29.64
C GLU B 125 6.16 -0.53 30.11
N ALA B 126 6.38 0.59 29.46
CA ALA B 126 7.53 1.43 29.75
C ALA B 126 7.52 1.87 31.21
N LEU B 127 6.36 2.26 31.72
CA LEU B 127 6.23 2.80 33.08
C LEU B 127 5.71 1.78 34.07
N SER B 128 5.75 0.50 33.68
CA SER B 128 5.27 -0.60 34.53
C SER B 128 3.99 -0.27 35.30
N LEU B 129 2.92 0.05 34.57
CA LEU B 129 1.66 0.43 35.20
C LEU B 129 0.79 -0.79 35.49
N ASN B 130 1.02 -1.87 34.74
CA ASN B 130 0.22 -3.07 34.88
C ASN B 130 -1.28 -2.77 34.88
N LEU B 131 -1.70 -1.91 33.94
CA LEU B 131 -3.12 -1.58 33.79
C LEU B 131 -3.91 -2.81 33.36
N SER B 132 -5.11 -2.95 33.92
CA SER B 132 -6.07 -3.94 33.47
C SER B 132 -6.44 -3.64 32.03
N ASP B 133 -6.95 -4.64 31.32
CA ASP B 133 -7.44 -4.42 29.97
C ASP B 133 -8.44 -3.28 29.92
N THR B 134 -9.33 -3.20 30.91
CA THR B 134 -10.30 -2.12 31.02
C THR B 134 -9.63 -0.74 31.06
N ASP B 135 -8.66 -0.58 31.94
CA ASP B 135 -7.99 0.72 32.07
C ASP B 135 -7.06 0.98 30.91
N LEU B 136 -6.55 -0.08 30.31
CA LEU B 136 -5.73 0.07 29.12
C LEU B 136 -6.62 0.59 27.99
N SER B 137 -7.82 0.02 27.89
CA SER B 137 -8.79 0.48 26.89
C SER B 137 -9.23 1.92 27.20
N ARG B 138 -9.44 2.22 28.47
CA ARG B 138 -9.76 3.59 28.87
C ARG B 138 -8.66 4.58 28.47
N LEU B 139 -7.41 4.22 28.69
CA LEU B 139 -6.32 5.11 28.32
C LEU B 139 -6.25 5.30 26.80
N ALA B 140 -6.52 4.24 26.06
CA ALA B 140 -6.47 4.33 24.60
C ALA B 140 -7.58 5.25 24.04
N ARG B 141 -8.74 5.23 24.69
CA ARG B 141 -9.90 6.01 24.25
C ARG B 141 -9.60 7.51 24.23
N ARG B 142 -8.81 7.95 25.21
CA ARG B 142 -8.53 9.37 25.38
C ARG B 142 -7.72 9.86 24.20
N GLY B 143 -7.05 8.93 23.52
CA GLY B 143 -6.29 9.28 22.33
C GLY B 143 -7.19 9.29 21.10
N SER B 144 -7.87 8.17 20.87
CA SER B 144 -8.80 8.02 19.74
C SER B 144 -9.88 7.05 20.17
N GLY B 145 -11.13 7.39 19.90
CA GLY B 145 -12.24 6.57 20.34
C GLY B 145 -12.11 5.13 19.92
N SER B 146 -11.79 4.94 18.63
CA SER B 146 -11.68 3.60 18.08
C SER B 146 -10.54 2.81 18.68
N ALA B 147 -9.54 3.50 19.20
CA ALA B 147 -8.39 2.79 19.79
C ALA B 147 -8.80 1.98 21.00
N SER B 148 -9.88 2.40 21.66
CA SER B 148 -10.34 1.68 22.83
C SER B 148 -10.60 0.23 22.45
N ARG B 149 -10.98 0.00 21.19
CA ARG B 149 -11.35 -1.36 20.76
C ARG B 149 -10.14 -2.19 20.37
N SER B 150 -9.09 -1.53 19.89
CA SER B 150 -7.91 -2.24 19.37
C SER B 150 -7.05 -2.86 20.47
N ILE B 151 -7.42 -2.59 21.72
CA ILE B 151 -6.77 -3.28 22.83
C ILE B 151 -7.06 -4.77 22.70
N PHE B 152 -8.15 -5.08 21.99
CA PHE B 152 -8.67 -6.46 21.90
C PHE B 152 -8.66 -7.05 20.47
N GLY B 153 -8.70 -8.37 20.38
CA GLY B 153 -8.80 -9.05 19.10
C GLY B 153 -10.24 -9.47 18.79
N GLY B 154 -10.42 -10.14 17.65
CA GLY B 154 -11.73 -10.66 17.28
C GLY B 154 -12.79 -9.58 17.35
N PHE B 155 -13.97 -9.98 17.83
CA PHE B 155 -15.06 -9.04 18.03
C PHE B 155 -14.78 -8.31 19.32
N ALA B 156 -15.05 -7.01 19.34
CA ALA B 156 -14.91 -6.23 20.55
C ALA B 156 -15.98 -5.17 20.52
N GLU B 157 -16.48 -4.81 21.70
CA GLU B 157 -17.54 -3.81 21.82
C GLU B 157 -17.08 -2.68 22.70
N TRP B 158 -17.29 -1.45 22.25
CA TRP B 158 -17.00 -0.26 23.05
C TRP B 158 -18.30 0.19 23.73
N GLU B 159 -18.32 0.11 25.05
CA GLU B 159 -19.49 0.54 25.83
C GLU B 159 -19.37 2.03 26.08
N LYS B 160 -20.39 2.79 25.70
CA LYS B 160 -20.30 4.24 25.76
C LYS B 160 -20.12 4.75 27.19
N GLY B 161 -20.60 3.99 28.17
CA GLY B 161 -20.72 4.50 29.52
C GLY B 161 -21.24 5.94 29.51
N HIS B 162 -20.86 6.72 30.53
CA HIS B 162 -21.33 8.09 30.67
C HIS B 162 -20.22 8.95 31.28
N ASP B 163 -19.05 8.36 31.53
CA ASP B 163 -17.90 9.15 31.96
C ASP B 163 -16.58 8.44 31.71
N ASP B 164 -15.49 9.07 32.14
CA ASP B 164 -14.15 8.58 31.84
C ASP B 164 -13.94 7.19 32.43
N LEU B 165 -14.57 6.93 33.57
CA LEU B 165 -14.41 5.64 34.25
C LEU B 165 -15.20 4.53 33.61
N THR B 166 -16.28 4.87 32.90
CA THR B 166 -17.24 3.86 32.48
C THR B 166 -17.29 3.65 30.96
N SER B 167 -16.59 4.50 30.22
CA SER B 167 -16.54 4.36 28.77
C SER B 167 -15.30 3.57 28.35
N TYR B 168 -15.51 2.31 27.97
CA TYR B 168 -14.40 1.47 27.53
C TYR B 168 -14.87 0.25 26.76
N ALA B 169 -13.93 -0.41 26.09
CA ALA B 169 -14.25 -1.59 25.32
C ALA B 169 -13.92 -2.87 26.06
N HIS B 170 -14.45 -3.98 25.57
CA HIS B 170 -14.09 -5.29 26.07
C HIS B 170 -14.09 -6.28 24.91
N GLY B 171 -13.28 -7.32 25.02
CA GLY B 171 -13.22 -8.33 23.98
C GLY B 171 -14.45 -9.23 24.09
N ILE B 172 -14.95 -9.71 22.95
CA ILE B 172 -16.10 -10.61 22.99
C ILE B 172 -15.70 -11.99 22.56
N ASN B 173 -15.94 -12.97 23.43
CA ASN B 173 -15.70 -14.37 23.09
C ASN B 173 -16.76 -14.90 22.14
N SER B 174 -16.34 -15.43 21.00
CA SER B 174 -17.28 -15.96 20.03
C SER B 174 -16.90 -17.39 19.71
N ASN B 175 -16.34 -18.09 20.69
CA ASN B 175 -15.97 -19.49 20.49
C ASN B 175 -15.20 -19.70 19.20
N GLY B 176 -14.31 -18.75 18.91
CA GLY B 176 -13.39 -18.90 17.81
C GLY B 176 -13.99 -18.62 16.45
N TRP B 177 -15.15 -17.97 16.44
CA TRP B 177 -15.82 -17.66 15.19
C TRP B 177 -14.96 -16.74 14.30
N GLU B 178 -14.19 -15.85 14.92
CA GLU B 178 -13.34 -14.94 14.14
C GLU B 178 -12.34 -15.68 13.25
N LYS B 179 -12.02 -16.92 13.60
CA LYS B 179 -11.10 -17.71 12.77
C LYS B 179 -11.70 -18.17 11.44
N ASP B 180 -13.02 -18.01 11.31
CA ASP B 180 -13.75 -18.36 10.10
C ASP B 180 -14.02 -17.18 9.18
N LEU B 181 -13.59 -15.98 9.60
CA LEU B 181 -13.96 -14.77 8.88
C LEU B 181 -12.76 -14.00 8.34
N SER B 182 -13.02 -13.22 7.31
CA SER B 182 -11.98 -12.43 6.67
C SER B 182 -12.63 -11.14 6.24
N MET B 183 -11.80 -10.21 5.79
CA MET B 183 -12.33 -8.95 5.29
C MET B 183 -11.53 -8.56 4.07
N ILE B 184 -12.23 -8.25 2.98
CA ILE B 184 -11.59 -7.81 1.75
C ILE B 184 -11.69 -6.30 1.61
N PHE B 185 -10.54 -5.65 1.50
CA PHE B 185 -10.50 -4.21 1.26
C PHE B 185 -10.51 -3.93 -0.23
N VAL B 186 -11.31 -2.95 -0.61
CA VAL B 186 -11.30 -2.43 -1.97
C VAL B 186 -10.84 -1.01 -1.85
N VAL B 187 -9.61 -0.77 -2.30
CA VAL B 187 -8.98 0.52 -2.19
C VAL B 187 -9.54 1.45 -3.26
N ILE B 188 -10.15 2.55 -2.84
CA ILE B 188 -10.79 3.50 -3.74
C ILE B 188 -10.26 4.91 -3.47
N ASN B 189 -10.06 5.67 -4.53
CA ASN B 189 -9.47 6.99 -4.46
C ASN B 189 -10.50 8.12 -4.46
N ASN B 190 -10.29 9.10 -3.59
CA ASN B 190 -10.91 10.41 -3.76
C ASN B 190 -10.54 10.99 -5.12
N SER B 197 -12.48 12.95 9.99
CA SER B 197 -13.27 11.93 10.66
C SER B 197 -13.81 12.44 11.98
N ARG B 198 -12.97 13.13 12.74
CA ARG B 198 -13.41 13.74 14.01
C ARG B 198 -14.21 15.02 13.72
N SER B 199 -13.86 15.73 12.64
CA SER B 199 -14.52 16.98 12.28
C SER B 199 -15.80 16.74 11.47
N GLY B 200 -15.80 15.68 10.65
CA GLY B 200 -16.98 15.26 9.91
C GLY B 200 -18.02 14.70 10.87
N MET B 201 -17.61 13.74 11.71
CA MET B 201 -18.44 13.20 12.76
C MET B 201 -18.96 14.30 13.70
N SER B 202 -18.13 15.33 13.89
CA SER B 202 -18.50 16.47 14.74
C SER B 202 -19.63 17.29 14.11
N LEU B 203 -19.47 17.66 12.84
CA LEU B 203 -20.49 18.39 12.12
C LEU B 203 -21.81 17.63 12.08
N THR B 204 -21.74 16.32 11.85
CA THR B 204 -22.93 15.49 11.73
C THR B 204 -23.68 15.37 13.07
N ARG B 205 -22.95 14.97 14.10
CA ARG B 205 -23.51 14.88 15.44
C ARG B 205 -24.16 16.19 15.87
N ASP B 206 -23.60 17.31 15.40
CA ASP B 206 -24.07 18.63 15.82
C ASP B 206 -25.21 19.20 14.98
N THR B 207 -25.26 18.89 13.69
CA THR B 207 -26.18 19.60 12.79
C THR B 207 -27.07 18.70 11.94
N SER B 208 -26.78 17.41 11.94
CA SER B 208 -27.44 16.56 10.95
C SER B 208 -28.92 16.39 11.24
N ARG B 209 -29.72 16.63 10.20
CA ARG B 209 -31.17 16.53 10.33
C ARG B 209 -31.60 15.07 10.44
N PHE B 210 -30.68 14.14 10.20
CA PHE B 210 -31.00 12.71 10.26
C PHE B 210 -30.33 12.01 11.42
N TYR B 211 -29.71 12.78 12.30
CA TYR B 211 -28.95 12.17 13.40
C TYR B 211 -29.87 11.45 14.39
N GLN B 212 -31.06 12.00 14.61
CA GLN B 212 -31.98 11.34 15.53
C GLN B 212 -32.33 9.96 14.97
N TYR B 213 -32.52 9.89 13.66
CA TYR B 213 -32.81 8.63 12.99
C TYR B 213 -31.72 7.60 13.29
N TRP B 214 -30.46 8.05 13.22
CA TRP B 214 -29.35 7.18 13.59
C TRP B 214 -29.49 6.70 15.04
N LEU B 215 -29.71 7.63 15.96
CA LEU B 215 -29.81 7.29 17.39
C LEU B 215 -30.99 6.35 17.68
N ASP B 216 -32.07 6.50 16.94
CA ASP B 216 -33.25 5.65 17.13
C ASP B 216 -33.00 4.15 16.83
N HIS B 217 -32.06 3.86 15.93
CA HIS B 217 -31.92 2.47 15.48
C HIS B 217 -30.67 1.75 15.95
N VAL B 218 -29.69 2.50 16.44
CA VAL B 218 -28.37 1.94 16.73
C VAL B 218 -28.37 0.86 17.82
N ASP B 219 -29.14 1.04 18.90
CA ASP B 219 -29.18 0.03 19.96
C ASP B 219 -29.80 -1.29 19.49
N GLU B 220 -30.90 -1.21 18.74
CA GLU B 220 -31.48 -2.39 18.10
C GLU B 220 -30.44 -3.08 17.23
N ASP B 221 -29.77 -2.32 16.38
CA ASP B 221 -28.74 -2.89 15.50
C ASP B 221 -27.70 -3.63 16.32
N LEU B 222 -27.24 -2.98 17.38
CA LEU B 222 -26.16 -3.53 18.21
C LEU B 222 -26.60 -4.86 18.81
N ASN B 223 -27.78 -4.89 19.41
CA ASN B 223 -28.25 -6.11 20.03
C ASN B 223 -28.45 -7.22 19.00
N GLU B 224 -28.91 -6.85 17.81
CA GLU B 224 -29.06 -7.82 16.73
C GLU B 224 -27.68 -8.34 16.34
N ALA B 225 -26.73 -7.43 16.22
CA ALA B 225 -25.37 -7.81 15.89
C ALA B 225 -24.79 -8.72 16.96
N LYS B 226 -24.96 -8.32 18.22
CA LYS B 226 -24.42 -9.12 19.31
C LYS B 226 -25.05 -10.52 19.37
N GLU B 227 -26.34 -10.61 19.05
CA GLU B 227 -27.01 -11.91 19.04
C GLU B 227 -26.51 -12.79 17.90
N ALA B 228 -26.30 -12.20 16.72
CA ALA B 228 -25.79 -12.97 15.59
C ALA B 228 -24.45 -13.59 15.93
N VAL B 229 -23.60 -12.83 16.61
CA VAL B 229 -22.29 -13.31 17.03
C VAL B 229 -22.43 -14.52 17.97
N LYS B 230 -23.34 -14.40 18.94
CA LYS B 230 -23.65 -15.51 19.85
C LYS B 230 -23.93 -16.81 19.11
N ASN B 231 -24.77 -16.72 18.08
CA ASN B 231 -25.15 -17.89 17.28
C ASN B 231 -24.25 -18.14 16.07
N GLN B 232 -23.17 -17.37 15.96
CA GLN B 232 -22.28 -17.45 14.80
C GLN B 232 -23.08 -17.47 13.50
N ASP B 233 -24.03 -16.54 13.38
CA ASP B 233 -24.95 -16.53 12.25
C ASP B 233 -24.50 -15.43 11.29
N PHE B 234 -23.83 -15.83 10.21
CA PHE B 234 -23.17 -14.87 9.33
C PHE B 234 -24.13 -13.92 8.60
N GLN B 235 -25.18 -14.47 8.00
CA GLN B 235 -26.13 -13.66 7.24
C GLN B 235 -26.76 -12.62 8.15
N ARG B 236 -27.09 -13.05 9.35
CA ARG B 236 -27.81 -12.21 10.29
C ARG B 236 -26.91 -11.08 10.78
N LEU B 237 -25.65 -11.41 11.07
CA LEU B 237 -24.67 -10.40 11.40
C LEU B 237 -24.52 -9.45 10.23
N GLY B 238 -24.29 -10.03 9.05
CA GLY B 238 -24.00 -9.27 7.84
C GLY B 238 -25.07 -8.26 7.49
N GLU B 239 -26.33 -8.68 7.51
CA GLU B 239 -27.42 -7.80 7.09
C GLU B 239 -27.58 -6.56 7.96
N VAL B 240 -27.47 -6.74 9.28
CA VAL B 240 -27.63 -5.60 10.18
C VAL B 240 -26.42 -4.66 10.14
N ILE B 241 -25.22 -5.21 10.09
CA ILE B 241 -24.04 -4.34 10.03
C ILE B 241 -24.05 -3.52 8.74
N GLU B 242 -24.44 -4.14 7.63
CA GLU B 242 -24.48 -3.41 6.36
C GLU B 242 -25.51 -2.28 6.42
N ALA B 243 -26.70 -2.59 6.92
CA ALA B 243 -27.73 -1.57 7.14
C ALA B 243 -27.25 -0.45 8.09
N ASN B 244 -26.59 -0.84 9.18
CA ASN B 244 -26.08 0.16 10.11
C ASN B 244 -25.07 1.08 9.43
N GLY B 245 -24.12 0.49 8.71
CA GLY B 245 -23.08 1.24 8.06
C GLY B 245 -23.65 2.28 7.11
N LEU B 246 -24.69 1.89 6.37
CA LEU B 246 -25.30 2.82 5.43
C LEU B 246 -26.06 3.92 6.14
N ARG B 247 -26.67 3.62 7.29
CA ARG B 247 -27.37 4.66 8.06
C ARG B 247 -26.40 5.72 8.59
N MET B 248 -25.19 5.29 8.97
CA MET B 248 -24.14 6.20 9.41
C MET B 248 -23.85 7.19 8.30
N HIS B 249 -23.63 6.68 7.09
CA HIS B 249 -23.37 7.59 5.99
C HIS B 249 -24.59 8.46 5.63
N ALA B 250 -25.80 7.95 5.81
CA ALA B 250 -26.99 8.80 5.60
C ALA B 250 -26.95 10.05 6.47
N THR B 251 -26.39 9.93 7.68
CA THR B 251 -26.42 11.06 8.60
C THR B 251 -25.65 12.24 8.01
N ASN B 252 -24.56 11.94 7.32
CA ASN B 252 -23.73 13.00 6.75
C ASN B 252 -24.51 13.75 5.67
N LEU B 253 -25.37 13.04 4.95
CA LEU B 253 -26.22 13.67 3.94
C LEU B 253 -27.15 14.72 4.57
N GLY B 254 -27.47 14.55 5.84
CA GLY B 254 -28.35 15.49 6.51
C GLY B 254 -27.63 16.60 7.28
N ALA B 255 -26.30 16.54 7.30
CA ALA B 255 -25.51 17.56 8.00
C ALA B 255 -25.68 18.94 7.38
N GLN B 256 -25.26 19.97 8.09
CA GLN B 256 -25.43 21.34 7.62
C GLN B 256 -24.09 22.04 7.38
N PRO B 257 -23.59 22.06 6.13
CA PRO B 257 -24.13 21.55 4.87
C PRO B 257 -23.79 20.08 4.67
N PRO B 258 -24.45 19.40 3.72
CA PRO B 258 -24.27 17.94 3.59
C PRO B 258 -22.91 17.56 3.06
N PHE B 259 -22.52 16.32 3.31
CA PHE B 259 -21.29 15.80 2.73
C PHE B 259 -21.32 14.28 2.63
N THR B 260 -20.39 13.73 1.87
CA THR B 260 -20.28 12.28 1.75
C THR B 260 -18.82 11.86 1.66
N TYR B 261 -18.53 10.66 2.18
CA TYR B 261 -17.23 10.06 2.02
C TYR B 261 -17.16 9.14 0.81
N LEU B 262 -18.30 8.94 0.16
CA LEU B 262 -18.43 7.94 -0.91
C LEU B 262 -18.25 8.52 -2.30
N VAL B 263 -17.62 7.75 -3.18
CA VAL B 263 -17.54 8.10 -4.59
C VAL B 263 -18.19 7.00 -5.42
N GLN B 264 -18.28 7.18 -6.74
CA GLN B 264 -19.05 6.24 -7.58
C GLN B 264 -18.50 4.83 -7.48
N GLU B 265 -17.18 4.72 -7.53
CA GLU B 265 -16.50 3.44 -7.38
C GLU B 265 -16.83 2.74 -6.05
N SER B 266 -17.06 3.51 -4.99
CA SER B 266 -17.50 2.89 -3.75
C SER B 266 -18.79 2.15 -4.05
N TYR B 267 -19.68 2.79 -4.79
CA TYR B 267 -20.97 2.16 -5.10
C TYR B 267 -20.78 0.99 -6.05
N ASP B 268 -19.81 1.12 -6.95
CA ASP B 268 -19.47 0.02 -7.84
C ASP B 268 -19.10 -1.22 -7.06
N ALA B 269 -18.28 -1.07 -6.03
CA ALA B 269 -17.93 -2.21 -5.18
C ALA B 269 -19.15 -2.76 -4.44
N MET B 270 -20.01 -1.89 -3.92
CA MET B 270 -21.18 -2.39 -3.20
C MET B 270 -22.06 -3.28 -4.07
N ALA B 271 -22.16 -2.95 -5.36
CA ALA B 271 -22.99 -3.73 -6.28
C ALA B 271 -22.39 -5.12 -6.53
N ILE B 272 -21.07 -5.23 -6.46
CA ILE B 272 -20.46 -6.53 -6.64
C ILE B 272 -20.78 -7.41 -5.44
N VAL B 273 -20.75 -6.80 -4.27
CA VAL B 273 -21.17 -7.53 -3.07
C VAL B 273 -22.58 -8.09 -3.23
N GLU B 274 -23.50 -7.28 -3.73
CA GLU B 274 -24.86 -7.76 -3.92
C GLU B 274 -24.89 -8.96 -4.87
N GLN B 275 -24.15 -8.84 -5.97
CA GLN B 275 -24.13 -9.88 -7.00
C GLN B 275 -23.47 -11.16 -6.51
N CYS B 276 -22.54 -11.06 -5.58
CA CYS B 276 -21.97 -12.24 -4.91
C CYS B 276 -23.05 -12.94 -4.09
N ARG B 277 -23.75 -12.19 -3.24
CA ARG B 277 -24.82 -12.78 -2.47
C ARG B 277 -25.82 -13.47 -3.40
N LYS B 278 -25.99 -12.92 -4.59
CA LYS B 278 -26.89 -13.53 -5.58
C LYS B 278 -26.34 -14.87 -6.03
N ALA B 279 -25.05 -14.93 -6.31
CA ALA B 279 -24.39 -16.15 -6.73
C ALA B 279 -24.02 -17.02 -5.54
N ASN B 280 -24.75 -16.82 -4.44
CA ASN B 280 -24.54 -17.62 -3.23
C ASN B 280 -23.10 -17.64 -2.73
N LEU B 281 -22.51 -16.44 -2.70
CA LEU B 281 -21.26 -16.17 -2.00
C LEU B 281 -21.59 -15.05 -1.04
N PRO B 282 -22.11 -15.41 0.13
CA PRO B 282 -22.51 -14.43 1.16
C PRO B 282 -21.36 -13.54 1.59
N CYS B 283 -21.57 -12.22 1.52
CA CYS B 283 -20.64 -11.24 2.02
C CYS B 283 -21.39 -9.92 2.18
N TYR B 284 -20.82 -9.00 2.97
CA TYR B 284 -21.49 -7.75 3.34
C TYR B 284 -20.47 -6.63 3.44
N PHE B 285 -20.87 -5.41 3.08
CA PHE B 285 -19.93 -4.29 3.05
C PHE B 285 -20.10 -3.27 4.16
N THR B 286 -19.02 -2.53 4.39
CA THR B 286 -19.05 -1.40 5.28
C THR B 286 -17.99 -0.37 4.88
N MET B 287 -18.26 0.91 5.16
CA MET B 287 -17.32 1.95 4.81
C MET B 287 -17.01 2.79 6.03
N ALA B 288 -15.79 3.33 6.10
CA ALA B 288 -15.41 4.23 7.18
C ALA B 288 -15.60 5.69 6.79
N ALA B 289 -14.76 6.55 7.35
CA ALA B 289 -14.71 7.95 6.92
C ALA B 289 -13.86 8.12 5.64
N GLY B 290 -14.14 7.28 4.64
CA GLY B 290 -13.51 7.39 3.34
C GLY B 290 -14.26 6.55 2.32
N PRO B 291 -13.78 6.54 1.07
CA PRO B 291 -14.41 5.82 -0.06
C PRO B 291 -14.12 4.31 -0.13
N ASN B 292 -13.09 3.85 0.57
CA ASN B 292 -12.78 2.42 0.59
C ASN B 292 -14.00 1.60 1.00
N VAL B 293 -14.21 0.47 0.32
CA VAL B 293 -15.27 -0.45 0.71
C VAL B 293 -14.60 -1.67 1.32
N LYS B 294 -15.13 -2.12 2.46
CA LYS B 294 -14.58 -3.29 3.13
C LYS B 294 -15.61 -4.40 3.17
N VAL B 295 -15.22 -5.56 2.67
CA VAL B 295 -16.16 -6.66 2.51
C VAL B 295 -15.87 -7.80 3.50
N LEU B 296 -16.80 -7.98 4.43
CA LEU B 296 -16.72 -9.07 5.40
C LEU B 296 -17.21 -10.33 4.69
N VAL B 297 -16.51 -11.45 4.88
CA VAL B 297 -16.81 -12.67 4.15
C VAL B 297 -16.22 -13.84 4.91
N GLU B 298 -16.81 -15.03 4.79
CA GLU B 298 -16.27 -16.22 5.44
C GLU B 298 -15.06 -16.75 4.68
N LYS B 299 -14.07 -17.27 5.39
CA LYS B 299 -12.85 -17.76 4.73
C LYS B 299 -13.14 -18.70 3.57
N LYS B 300 -14.07 -19.64 3.77
CA LYS B 300 -14.39 -20.61 2.72
C LYS B 300 -14.81 -19.93 1.42
N ASN B 301 -15.22 -18.67 1.49
CA ASN B 301 -15.68 -17.95 0.30
C ASN B 301 -14.79 -16.78 -0.11
N LYS B 302 -13.79 -16.46 0.71
CA LYS B 302 -12.94 -15.31 0.43
C LYS B 302 -12.35 -15.32 -1.02
N GLN B 303 -11.83 -16.47 -1.46
CA GLN B 303 -11.17 -16.54 -2.77
C GLN B 303 -12.17 -16.29 -3.90
N ALA B 304 -13.33 -16.93 -3.85
CA ALA B 304 -14.36 -16.75 -4.85
C ALA B 304 -14.84 -15.30 -4.92
N VAL B 305 -15.09 -14.70 -3.75
CA VAL B 305 -15.53 -13.31 -3.71
C VAL B 305 -14.46 -12.40 -4.29
N MET B 306 -13.20 -12.64 -3.93
CA MET B 306 -12.11 -11.85 -4.46
C MET B 306 -12.05 -11.91 -5.99
N GLU B 307 -12.20 -13.11 -6.55
CA GLU B 307 -12.21 -13.28 -7.99
C GLU B 307 -13.31 -12.44 -8.63
N GLN B 308 -14.45 -12.31 -7.96
CA GLN B 308 -15.56 -11.53 -8.53
C GLN B 308 -15.16 -10.06 -8.62
N PHE B 309 -14.46 -9.59 -7.61
CA PHE B 309 -13.93 -8.23 -7.62
C PHE B 309 -12.87 -8.03 -8.70
N LEU B 310 -11.99 -9.01 -8.86
CA LEU B 310 -10.87 -8.91 -9.77
C LEU B 310 -11.31 -8.86 -11.24
N LYS B 311 -12.58 -9.18 -11.47
CA LYS B 311 -13.19 -9.03 -12.79
C LYS B 311 -13.30 -7.56 -13.13
N VAL B 312 -13.54 -6.73 -12.12
CA VAL B 312 -13.71 -5.30 -12.34
C VAL B 312 -12.53 -4.47 -11.85
N PHE B 313 -12.07 -4.73 -10.64
CA PHE B 313 -11.02 -3.92 -10.03
C PHE B 313 -9.65 -4.48 -10.27
N ASP B 314 -8.65 -3.60 -10.17
CA ASP B 314 -7.28 -4.01 -10.34
C ASP B 314 -6.80 -4.83 -9.16
N GLU B 315 -5.99 -5.84 -9.46
CA GLU B 315 -5.43 -6.72 -8.46
C GLU B 315 -4.80 -5.94 -7.29
N SER B 316 -4.11 -4.86 -7.62
CA SER B 316 -3.37 -4.07 -6.62
C SER B 316 -4.29 -3.35 -5.66
N LYS B 317 -5.59 -3.35 -5.96
CA LYS B 317 -6.54 -2.59 -5.16
C LYS B 317 -7.45 -3.50 -4.33
N ILE B 318 -7.23 -4.79 -4.43
CA ILE B 318 -8.02 -5.78 -3.71
C ILE B 318 -7.11 -6.48 -2.69
N ILE B 319 -7.30 -6.13 -1.43
CA ILE B 319 -6.37 -6.55 -0.38
C ILE B 319 -7.09 -7.24 0.78
N ALA B 320 -6.76 -8.51 1.00
CA ALA B 320 -7.47 -9.34 1.95
C ALA B 320 -6.76 -9.43 3.32
N SER B 321 -7.55 -9.57 4.38
CA SER B 321 -7.00 -9.72 5.72
C SER B 321 -7.87 -10.63 6.57
N ASP B 322 -7.24 -11.47 7.39
CA ASP B 322 -7.96 -12.26 8.37
C ASP B 322 -8.31 -11.37 9.54
N ILE B 323 -9.18 -11.89 10.40
CA ILE B 323 -9.49 -11.27 11.68
C ILE B 323 -8.57 -11.91 12.71
N ILE B 324 -7.90 -11.12 13.51
CA ILE B 324 -6.93 -11.67 14.44
C ILE B 324 -7.65 -12.04 15.75
N SER B 325 -7.22 -13.14 16.39
CA SER B 325 -7.85 -13.60 17.63
C SER B 325 -7.25 -12.93 18.86
N SER B 326 -5.96 -12.63 18.80
CA SER B 326 -5.25 -12.03 19.94
C SER B 326 -5.32 -10.49 19.95
N GLY B 327 -5.07 -9.88 21.11
CA GLY B 327 -5.17 -8.44 21.25
C GLY B 327 -3.86 -7.68 21.22
N VAL B 328 -3.85 -6.50 21.83
CA VAL B 328 -2.63 -5.70 21.86
C VAL B 328 -1.50 -6.52 22.48
N GLU B 329 -0.26 -6.26 22.09
CA GLU B 329 0.83 -7.19 22.45
C GLU B 329 2.15 -6.49 22.67
N ILE B 330 2.81 -6.81 23.79
CA ILE B 330 4.13 -6.24 24.08
C ILE B 330 5.16 -6.96 23.23
N ILE B 331 5.99 -6.19 22.54
CA ILE B 331 6.99 -6.78 21.65
C ILE B 331 8.39 -6.39 22.05
C 2P0 C . 9.03 0.58 -18.67
N 2P0 C . 6.53 0.90 -18.77
O 2P0 C . 8.92 0.24 -17.45
CA 2P0 C . 7.80 1.05 -19.48
CB 2P0 C . 7.95 2.45 -19.88
CD 2P0 C . 6.06 2.21 -18.41
CG 2P0 C . 6.72 3.16 -19.37
OAB 2P0 C . 4.77 -0.30 -17.86
OAC 2P0 C . 5.98 -7.19 -18.59
OAD 2P0 C . 7.67 -4.35 -18.10
OAF 2P0 C . 4.72 -6.81 -20.73
OAG 2P0 C . 7.17 -6.38 -20.61
OAH 2P0 C . 5.58 -4.94 -16.87
CAK 2P0 C . 6.36 -1.67 -18.85
OAM 2P0 C . 5.75 -2.68 -18.00
OAN 2P0 C . 5.52 -4.84 -19.40
CAP 2P0 C . 5.82 -0.36 -18.45
PAS 2P0 C . 5.84 -6.33 -19.84
PAT 2P0 C . 6.15 -4.21 -18.09
OXT 2P0 C . 10.18 0.55 -19.23
C1 GOL D . 25.34 1.12 -11.70
O1 GOL D . 24.54 1.46 -12.81
C2 GOL D . 25.82 2.39 -10.98
O2 GOL D . 24.78 2.85 -10.14
C3 GOL D . 27.04 2.09 -10.11
O3 GOL D . 28.18 2.70 -10.67
C1 GOL E . 22.05 -13.13 -7.95
O1 GOL E . 22.11 -14.47 -7.48
C2 GOL E . 23.29 -12.30 -7.62
O2 GOL E . 23.72 -11.61 -8.76
C3 GOL E . 22.97 -11.28 -6.53
O3 GOL E . 24.07 -10.43 -6.27
C1 GOL F . 17.81 -24.34 8.66
O1 GOL F . 18.29 -24.97 9.83
C2 GOL F . 17.45 -22.87 8.87
O2 GOL F . 18.05 -22.38 10.06
C3 GOL F . 17.91 -22.05 7.67
O3 GOL F . 17.58 -20.69 7.84
C 2P0 G . -15.44 3.85 14.31
N 2P0 G . -15.11 5.47 12.45
O 2P0 G . -16.15 3.38 15.25
CA 2P0 G . -16.05 4.87 13.37
CB 2P0 G . -17.19 4.32 12.60
CD 2P0 G . -15.44 5.03 11.12
CG 2P0 G . -16.85 4.56 11.17
OAB 2P0 G . -13.37 6.82 11.80
OAC 2P0 G . -12.46 9.56 18.60
OAD 2P0 G . -10.40 8.65 14.90
OAF 2P0 G . -12.37 11.60 17.21
OAG 2P0 G . -10.43 10.08 17.26
OAH 2P0 G . -11.61 6.99 16.31
CAK 2P0 G . -13.71 6.82 14.12
OAM 2P0 G . -12.57 7.69 14.06
OAN 2P0 G . -12.55 9.35 16.07
CAP 2P0 G . -14.02 6.40 12.74
PAS 2P0 G . -11.94 10.16 17.29
PAT 2P0 G . -11.78 8.16 15.36
OXT 2P0 G . -14.23 3.49 14.19
#